data_4C1R
#
_entry.id   4C1R
#
_cell.length_a   65.440
_cell.length_b   148.810
_cell.length_c   71.450
_cell.angle_alpha   90.00
_cell.angle_beta   117.10
_cell.angle_gamma   90.00
#
_symmetry.space_group_name_H-M   'P 1 21 1'
#
loop_
_entity.id
_entity.type
_entity.pdbx_description
1 polymer MANNOSYL-6-PHOSPHATASE
2 non-polymer 'MAGNESIUM ION'
3 non-polymer 1,2-ETHANEDIOL
4 water water
#
_entity_poly.entity_id   1
_entity_poly.type   'polypeptide(L)'
_entity_poly.pdbx_seq_one_letter_code
;SLTVASYNLRNANGSDSARGDGWGQRYPVIAQMVQYHDFDIFGTQECFLHQLKDMKEALPGYDYIGVGRDDGKDKGEHSA
IFYRTDKFDIVEKGDFWLSETPDVPSKGWDAVLPRICSWGHFKCKDTGFEFLFFNLHMDHIGKKARVESAFLVQEKMKEL
GRGKNLPAILTGDFNVDQTHQSYDAFVSKGVLCDSYEKCDYRYALNGTFNNFDPNSFTESRIDHIFVSPSFHVKRYGVLT
DTYRSVRENSKKEDVRDCPEEITIKAYEARTPSDHFPVKVELVFDQRQQK
;
_entity_poly.pdbx_strand_id   A,B,C,D
#
# COMPACT_ATOMS: atom_id res chain seq x y z
N SER A 1 17.52 11.29 14.83
CA SER A 1 18.54 11.58 15.89
C SER A 1 18.66 10.41 16.88
N LEU A 2 17.58 10.05 17.60
CA LEU A 2 17.61 8.80 18.37
C LEU A 2 16.88 7.63 17.65
N THR A 3 17.34 6.40 17.91
CA THR A 3 16.81 5.21 17.26
C THR A 3 15.95 4.35 18.19
N VAL A 4 14.69 4.17 17.84
CA VAL A 4 13.79 3.25 18.55
C VAL A 4 13.33 2.10 17.66
N ALA A 5 12.92 0.98 18.26
CA ALA A 5 12.61 -0.17 17.45
C ALA A 5 11.50 -0.95 18.13
N SER A 6 10.84 -1.79 17.35
CA SER A 6 9.90 -2.78 17.88
C SER A 6 10.21 -4.14 17.28
N TYR A 7 10.41 -5.11 18.13
CA TYR A 7 10.90 -6.40 17.67
C TYR A 7 10.31 -7.56 18.47
N ASN A 8 9.43 -8.33 17.81
CA ASN A 8 8.87 -9.55 18.37
C ASN A 8 9.91 -10.68 18.18
N LEU A 9 10.46 -11.16 19.29
CA LEU A 9 11.63 -12.06 19.30
C LEU A 9 11.25 -13.54 19.23
N ARG A 10 9.94 -13.82 19.36
CA ARG A 10 9.34 -15.12 19.10
C ARG A 10 9.59 -16.03 20.33
N ASN A 11 8.52 -16.50 20.97
CA ASN A 11 8.70 -17.29 22.21
C ASN A 11 9.54 -18.56 21.94
N ALA A 12 10.40 -18.94 22.89
CA ALA A 12 11.21 -20.13 22.72
C ALA A 12 10.31 -21.36 22.85
N ASN A 13 10.46 -22.30 21.92
CA ASN A 13 9.75 -23.57 21.96
C ASN A 13 10.53 -24.62 21.16
N GLY A 14 10.28 -25.89 21.46
CA GLY A 14 11.00 -27.01 20.86
C GLY A 14 10.62 -27.21 19.40
N SER A 15 9.45 -26.71 19.03
CA SER A 15 8.93 -26.87 17.68
C SER A 15 9.73 -26.04 16.65
N ASP A 16 10.01 -24.79 17.00
CA ASP A 16 10.99 -23.98 16.27
C ASP A 16 12.34 -24.66 16.22
N SER A 17 12.84 -25.11 17.39
CA SER A 17 14.17 -25.69 17.46
C SER A 17 14.32 -26.84 16.47
N ALA A 18 13.26 -27.65 16.39
CA ALA A 18 13.15 -28.76 15.44
C ALA A 18 13.20 -28.34 13.95
N ARG A 19 12.62 -27.19 13.62
CA ARG A 19 12.57 -26.71 12.25
C ARG A 19 13.84 -25.92 11.90
N GLY A 20 14.75 -25.83 12.84
CA GLY A 20 15.99 -25.12 12.64
C GLY A 20 15.88 -23.61 12.92
N ASP A 21 14.84 -23.19 13.65
CA ASP A 21 14.71 -21.78 14.06
C ASP A 21 14.79 -21.68 15.57
N GLY A 22 15.68 -22.45 16.15
CA GLY A 22 15.75 -22.48 17.58
C GLY A 22 16.25 -21.20 18.15
N TRP A 23 15.70 -20.86 19.32
CA TRP A 23 16.09 -19.69 20.08
C TRP A 23 17.59 -19.60 20.25
N GLY A 24 18.25 -20.73 20.57
CA GLY A 24 19.70 -20.72 20.87
C GLY A 24 20.55 -20.30 19.67
N GLN A 25 20.04 -20.55 18.49
CA GLN A 25 20.68 -20.17 17.24
C GLN A 25 20.30 -18.73 16.83
N ARG A 26 19.06 -18.32 17.11
CA ARG A 26 18.58 -17.00 16.63
C ARG A 26 19.11 -15.90 17.51
N TYR A 27 19.04 -16.08 18.82
CA TYR A 27 19.24 -14.95 19.70
C TYR A 27 20.59 -14.24 19.56
N PRO A 28 21.68 -15.00 19.30
CA PRO A 28 22.97 -14.31 19.08
C PRO A 28 22.95 -13.38 17.87
N VAL A 29 22.17 -13.76 16.85
CA VAL A 29 21.99 -12.91 15.64
C VAL A 29 21.13 -11.68 15.91
N ILE A 30 20.01 -11.87 16.60
CA ILE A 30 19.19 -10.77 17.10
C ILE A 30 20.05 -9.72 17.82
N ALA A 31 20.98 -10.16 18.69
CA ALA A 31 21.65 -9.23 19.58
C ALA A 31 22.63 -8.41 18.74
N GLN A 32 23.32 -9.09 17.82
CA GLN A 32 24.17 -8.46 16.83
C GLN A 32 23.44 -7.39 16.05
N MET A 33 22.21 -7.68 15.64
CA MET A 33 21.41 -6.72 14.92
C MET A 33 21.11 -5.49 15.74
N VAL A 34 20.72 -5.70 17.00
CA VAL A 34 20.44 -4.62 17.94
C VAL A 34 21.69 -3.71 18.05
N GLN A 35 22.86 -4.33 18.20
CA GLN A 35 24.09 -3.56 18.38
C GLN A 35 24.50 -2.85 17.09
N TYR A 36 24.45 -3.55 15.96
CA TYR A 36 24.88 -2.98 14.67
C TYR A 36 23.97 -1.83 14.24
N HIS A 37 22.65 -2.04 14.30
CA HIS A 37 21.71 -1.00 13.85
C HIS A 37 21.50 0.01 14.97
N ASP A 38 22.20 -0.18 16.09
CA ASP A 38 22.26 0.84 17.17
C ASP A 38 20.89 1.23 17.74
N PHE A 39 20.09 0.25 18.17
CA PHE A 39 18.82 0.58 18.78
C PHE A 39 19.11 1.26 20.15
N ASP A 40 18.54 2.43 20.41
CA ASP A 40 18.74 3.06 21.72
C ASP A 40 17.80 2.53 22.76
N ILE A 41 16.58 2.28 22.29
CA ILE A 41 15.52 1.72 23.11
C ILE A 41 14.57 0.96 22.21
N PHE A 42 14.20 -0.25 22.64
CA PHE A 42 13.30 -1.07 21.83
C PHE A 42 12.32 -1.89 22.65
N GLY A 43 11.08 -1.95 22.16
CA GLY A 43 10.12 -2.91 22.65
C GLY A 43 10.29 -4.28 22.01
N THR A 44 10.24 -5.29 22.87
CA THR A 44 10.21 -6.68 22.48
C THR A 44 8.89 -7.35 22.87
N GLN A 45 8.53 -8.39 22.12
CA GLN A 45 7.37 -9.23 22.51
C GLN A 45 7.76 -10.69 22.57
N GLU A 46 7.02 -11.45 23.37
CA GLU A 46 7.08 -12.91 23.43
C GLU A 46 8.18 -13.57 24.26
N CYS A 47 9.10 -12.80 24.85
CA CYS A 47 10.21 -13.42 25.56
C CYS A 47 9.74 -13.99 26.90
N PHE A 48 10.13 -15.24 27.20
CA PHE A 48 10.11 -15.74 28.58
C PHE A 48 11.30 -15.17 29.29
N LEU A 49 11.28 -15.19 30.63
CA LEU A 49 12.37 -14.65 31.43
C LEU A 49 13.73 -15.16 30.94
N HIS A 50 13.82 -16.45 30.58
CA HIS A 50 15.16 -16.99 30.26
C HIS A 50 15.68 -16.40 28.95
N GLN A 51 14.74 -15.99 28.08
CA GLN A 51 15.10 -15.34 26.83
C GLN A 51 15.59 -13.92 27.11
N LEU A 52 14.92 -13.23 28.04
CA LEU A 52 15.39 -11.90 28.43
C LEU A 52 16.79 -11.98 29.01
N LYS A 53 17.10 -13.02 29.81
CA LYS A 53 18.44 -13.12 30.43
C LYS A 53 19.49 -13.40 29.38
N ASP A 54 19.18 -14.29 28.45
CA ASP A 54 20.07 -14.46 27.29
C ASP A 54 20.38 -13.13 26.59
N MET A 55 19.34 -12.34 26.29
CA MET A 55 19.50 -11.11 25.50
C MET A 55 20.28 -10.10 26.34
N LYS A 56 19.92 -9.97 27.61
CA LYS A 56 20.66 -9.09 28.48
C LYS A 56 22.15 -9.43 28.47
N GLU A 57 22.45 -10.71 28.54
CA GLU A 57 23.85 -11.11 28.56
C GLU A 57 24.54 -10.82 27.21
N ALA A 58 23.82 -11.00 26.11
CA ALA A 58 24.38 -10.69 24.76
C ALA A 58 24.50 -9.18 24.50
N LEU A 59 23.96 -8.35 25.40
CA LEU A 59 23.86 -6.91 25.13
C LEU A 59 24.49 -6.11 26.27
N PRO A 60 25.82 -6.20 26.41
CA PRO A 60 26.47 -5.30 27.39
C PRO A 60 26.10 -3.83 27.12
N GLY A 61 25.75 -3.08 28.16
CA GLY A 61 25.31 -1.73 27.92
C GLY A 61 23.79 -1.55 27.93
N TYR A 62 23.03 -2.66 27.86
CA TYR A 62 21.56 -2.55 27.86
C TYR A 62 20.99 -3.08 29.15
N ASP A 63 19.88 -2.50 29.60
CA ASP A 63 19.08 -3.13 30.64
C ASP A 63 17.66 -3.18 30.11
N TYR A 64 16.76 -3.82 30.87
CA TYR A 64 15.38 -3.91 30.46
C TYR A 64 14.43 -3.77 31.63
N ILE A 65 13.21 -3.32 31.35
CA ILE A 65 12.12 -3.27 32.29
C ILE A 65 10.92 -4.07 31.78
N GLY A 66 10.05 -4.52 32.69
CA GLY A 66 8.77 -5.12 32.30
C GLY A 66 8.59 -6.44 33.01
N VAL A 67 7.38 -6.74 33.49
CA VAL A 67 7.15 -8.02 34.20
C VAL A 67 6.43 -9.10 33.36
N GLY A 68 6.51 -10.36 33.78
CA GLY A 68 5.77 -11.44 33.10
C GLY A 68 4.27 -11.23 33.07
N ARG A 69 3.62 -11.55 31.95
CA ARG A 69 2.21 -11.22 31.84
C ARG A 69 1.33 -12.18 32.66
N ASP A 70 1.85 -13.34 33.09
CA ASP A 70 1.00 -14.35 33.74
C ASP A 70 0.74 -14.01 35.20
N ASP A 71 1.77 -13.68 35.97
CA ASP A 71 1.61 -13.48 37.40
C ASP A 71 2.13 -12.09 37.84
N GLY A 72 2.59 -11.28 36.86
CA GLY A 72 3.14 -9.95 37.12
C GLY A 72 4.49 -9.97 37.79
N LYS A 73 5.13 -11.12 37.81
CA LYS A 73 6.48 -11.24 38.32
C LYS A 73 7.32 -11.86 37.20
N ASP A 74 7.61 -13.16 37.31
CA ASP A 74 8.51 -13.82 36.38
C ASP A 74 7.85 -14.81 35.41
N LYS A 75 6.55 -15.04 35.54
CA LYS A 75 5.92 -16.10 34.76
C LYS A 75 5.32 -15.55 33.48
N GLY A 76 5.58 -16.22 32.36
CA GLY A 76 4.85 -15.92 31.15
C GLY A 76 5.66 -15.02 30.20
N GLU A 77 5.08 -14.75 29.06
CA GLU A 77 5.67 -13.84 28.09
C GLU A 77 5.77 -12.41 28.63
N HIS A 78 6.81 -11.72 28.22
CA HIS A 78 6.97 -10.30 28.60
C HIS A 78 6.77 -9.36 27.40
N SER A 79 6.30 -8.15 27.71
CA SER A 79 6.40 -7.04 26.78
C SER A 79 7.57 -6.17 27.19
N ALA A 80 8.75 -6.76 27.27
CA ALA A 80 9.92 -6.11 27.90
C ALA A 80 10.47 -4.97 27.03
N ILE A 81 10.91 -3.87 27.66
CA ILE A 81 11.59 -2.78 26.97
C ILE A 81 13.07 -2.77 27.28
N PHE A 82 13.93 -2.85 26.25
CA PHE A 82 15.38 -2.79 26.46
C PHE A 82 15.87 -1.39 26.17
N TYR A 83 16.94 -0.96 26.84
CA TYR A 83 17.47 0.40 26.58
C TYR A 83 18.93 0.52 26.91
N ARG A 84 19.60 1.48 26.28
CA ARG A 84 21.02 1.69 26.56
C ARG A 84 21.15 2.53 27.80
N THR A 85 21.81 1.99 28.81
CA THR A 85 21.86 2.61 30.12
C THR A 85 22.74 3.84 30.12
N ASP A 86 23.64 3.97 29.14
CA ASP A 86 24.44 5.19 29.03
C ASP A 86 23.71 6.33 28.31
N LYS A 87 22.55 6.05 27.70
CA LYS A 87 21.80 7.13 27.04
C LYS A 87 20.55 7.56 27.81
N PHE A 88 19.91 6.64 28.52
CA PHE A 88 18.67 6.94 29.21
C PHE A 88 18.72 6.59 30.65
N ASP A 89 18.14 7.44 31.46
CA ASP A 89 17.73 7.04 32.79
C ASP A 89 16.22 6.66 32.82
N ILE A 90 15.86 5.73 33.69
CA ILE A 90 14.45 5.52 34.04
C ILE A 90 14.10 6.39 35.22
N VAL A 91 13.09 7.23 35.06
CA VAL A 91 12.52 8.05 36.13
C VAL A 91 11.46 7.24 36.94
N GLU A 92 10.57 6.52 36.23
CA GLU A 92 9.48 5.70 36.83
C GLU A 92 9.22 4.62 35.79
N LYS A 93 8.62 3.49 36.20
CA LYS A 93 8.22 2.42 35.27
C LYS A 93 7.06 1.67 35.85
N GLY A 94 6.37 0.89 35.01
CA GLY A 94 5.18 0.15 35.49
C GLY A 94 4.69 -0.80 34.40
N ASP A 95 3.56 -1.46 34.66
CA ASP A 95 2.96 -2.39 33.74
C ASP A 95 1.50 -2.42 34.04
N PHE A 96 0.69 -2.52 33.00
CA PHE A 96 -0.72 -2.75 33.20
C PHE A 96 -1.27 -3.78 32.22
N TRP A 97 -2.34 -4.45 32.63
CA TRP A 97 -2.94 -5.49 31.85
C TRP A 97 -3.99 -4.88 30.94
N LEU A 98 -4.14 -5.43 29.74
CA LEU A 98 -5.13 -4.99 28.78
C LEU A 98 -6.48 -5.64 29.09
N SER A 99 -7.13 -5.03 30.08
CA SER A 99 -8.36 -5.56 30.62
C SER A 99 -9.09 -4.45 31.36
N GLU A 100 -10.24 -4.83 31.94
CA GLU A 100 -11.11 -3.95 32.71
C GLU A 100 -10.51 -3.72 34.08
N THR A 101 -9.62 -4.61 34.50
CA THR A 101 -8.89 -4.43 35.73
C THR A 101 -7.40 -4.38 35.39
N PRO A 102 -6.95 -3.26 34.80
CA PRO A 102 -5.56 -3.15 34.36
C PRO A 102 -4.51 -3.31 35.46
N ASP A 103 -4.90 -3.10 36.71
CA ASP A 103 -3.96 -3.11 37.82
C ASP A 103 -3.47 -4.50 38.15
N VAL A 104 -4.25 -5.51 37.78
CA VAL A 104 -3.90 -6.89 38.12
C VAL A 104 -3.82 -7.83 36.92
N PRO A 105 -3.05 -8.94 37.03
CA PRO A 105 -3.03 -9.99 36.00
C PRO A 105 -4.46 -10.46 35.72
N SER A 106 -4.91 -10.33 34.47
CA SER A 106 -6.31 -10.58 34.14
C SER A 106 -6.42 -10.59 32.62
N LYS A 107 -7.47 -11.21 32.13
CA LYS A 107 -7.79 -11.18 30.71
C LYS A 107 -8.80 -10.09 30.49
N GLY A 108 -8.90 -9.59 29.28
CA GLY A 108 -9.76 -8.44 29.06
C GLY A 108 -10.81 -8.73 28.03
N TRP A 109 -12.01 -8.19 28.25
CA TRP A 109 -13.07 -8.29 27.26
C TRP A 109 -13.25 -9.73 26.69
N ASP A 110 -13.07 -9.90 25.39
CA ASP A 110 -13.28 -11.18 24.72
C ASP A 110 -11.93 -11.81 24.33
N ALA A 111 -10.87 -11.52 25.06
CA ALA A 111 -9.54 -12.05 24.72
C ALA A 111 -9.36 -13.44 25.32
N VAL A 112 -8.52 -14.28 24.75
CA VAL A 112 -8.32 -15.63 25.30
C VAL A 112 -7.14 -15.74 26.23
N LEU A 113 -6.21 -14.80 26.18
CA LEU A 113 -5.05 -14.82 27.06
C LEU A 113 -4.83 -13.46 27.73
N PRO A 114 -4.16 -13.43 28.89
CA PRO A 114 -3.82 -12.15 29.54
C PRO A 114 -2.79 -11.42 28.65
N ARG A 115 -2.92 -10.10 28.52
CA ARG A 115 -1.99 -9.30 27.71
C ARG A 115 -1.51 -8.12 28.54
N ILE A 116 -0.21 -7.85 28.47
CA ILE A 116 0.46 -6.81 29.28
C ILE A 116 1.02 -5.71 28.39
N CYS A 117 0.81 -4.45 28.81
CA CYS A 117 1.57 -3.31 28.33
C CYS A 117 2.59 -2.88 29.36
N SER A 118 3.87 -2.78 28.97
CA SER A 118 4.91 -2.30 29.91
C SER A 118 5.36 -0.93 29.46
N TRP A 119 5.76 -0.07 30.40
CA TRP A 119 6.08 1.31 30.13
C TRP A 119 7.21 1.83 31.02
N GLY A 120 7.91 2.84 30.50
CA GLY A 120 8.99 3.53 31.18
C GLY A 120 8.76 5.01 30.99
N HIS A 121 9.04 5.78 32.02
CA HIS A 121 9.23 7.19 31.93
C HIS A 121 10.74 7.45 31.84
N PHE A 122 11.18 7.79 30.63
CA PHE A 122 12.60 7.90 30.31
C PHE A 122 13.08 9.36 30.25
N LYS A 123 14.34 9.53 30.58
CA LYS A 123 14.96 10.84 30.42
C LYS A 123 16.30 10.68 29.69
N CYS A 124 16.48 11.44 28.62
CA CYS A 124 17.69 11.38 27.77
C CYS A 124 18.83 11.96 28.62
N LYS A 125 19.91 11.21 28.84
CA LYS A 125 20.90 11.60 29.81
C LYS A 125 21.69 12.80 29.30
N ASP A 126 21.80 12.95 27.99
CA ASP A 126 22.45 14.08 27.34
C ASP A 126 21.60 15.35 27.31
N THR A 127 20.40 15.27 26.75
CA THR A 127 19.64 16.49 26.50
C THR A 127 18.61 16.76 27.58
N GLY A 128 18.40 15.81 28.50
CA GLY A 128 17.30 15.92 29.46
C GLY A 128 15.88 15.69 28.93
N PHE A 129 15.74 15.44 27.65
CA PHE A 129 14.40 15.26 27.09
C PHE A 129 13.69 14.04 27.74
N GLU A 130 12.46 14.24 28.18
CA GLU A 130 11.69 13.18 28.87
C GLU A 130 10.51 12.71 28.05
N PHE A 131 10.22 11.43 28.17
CA PHE A 131 9.16 10.87 27.34
C PHE A 131 8.65 9.57 27.95
N LEU A 132 7.46 9.19 27.53
CA LEU A 132 6.92 7.88 27.86
C LEU A 132 7.17 6.86 26.73
N PHE A 133 7.58 5.65 27.11
CA PHE A 133 7.75 4.60 26.12
C PHE A 133 6.84 3.41 26.52
N PHE A 134 5.84 3.09 25.70
CA PHE A 134 4.92 1.96 25.93
C PHE A 134 5.23 0.84 24.95
N ASN A 135 4.89 -0.40 25.33
CA ASN A 135 5.16 -1.59 24.53
C ASN A 135 4.19 -2.72 24.92
N LEU A 136 3.53 -3.34 23.95
CA LEU A 136 2.44 -4.26 24.23
C LEU A 136 2.37 -5.36 23.22
N HIS A 137 1.61 -6.39 23.55
CA HIS A 137 1.32 -7.46 22.61
C HIS A 137 -0.18 -7.76 22.75
N MET A 138 -0.92 -7.52 21.68
CA MET A 138 -2.39 -7.64 21.63
C MET A 138 -2.90 -9.08 21.54
N ASP A 139 -4.19 -9.27 21.85
CA ASP A 139 -4.79 -10.62 21.74
C ASP A 139 -5.16 -10.97 20.31
N HIS A 140 -5.01 -12.23 19.94
CA HIS A 140 -5.34 -12.64 18.57
C HIS A 140 -6.82 -12.94 18.34
N ILE A 141 -7.53 -13.25 19.43
CA ILE A 141 -8.91 -13.71 19.28
C ILE A 141 -9.84 -12.56 19.56
N GLY A 142 -9.56 -11.83 20.65
CA GLY A 142 -10.49 -10.79 21.13
C GLY A 142 -10.46 -9.47 20.35
N LYS A 143 -11.33 -9.35 19.34
CA LYS A 143 -11.42 -8.11 18.56
C LYS A 143 -11.85 -6.89 19.39
N LYS A 144 -12.85 -7.08 20.26
CA LYS A 144 -13.27 -6.04 21.18
C LYS A 144 -12.14 -5.66 22.13
N ALA A 145 -11.40 -6.64 22.65
CA ALA A 145 -10.24 -6.40 23.52
C ALA A 145 -9.15 -5.54 22.87
N ARG A 146 -8.96 -5.72 21.56
CA ARG A 146 -8.02 -4.92 20.79
C ARG A 146 -8.49 -3.47 20.63
N VAL A 147 -9.76 -3.27 20.31
CA VAL A 147 -10.25 -1.91 20.21
C VAL A 147 -10.23 -1.20 21.57
N GLU A 148 -10.65 -1.93 22.61
CA GLU A 148 -10.69 -1.37 23.95
C GLU A 148 -9.28 -1.17 24.49
N SER A 149 -8.36 -2.03 24.06
CA SER A 149 -6.97 -1.90 24.53
C SER A 149 -6.39 -0.59 24.04
N ALA A 150 -6.78 -0.18 22.83
CA ALA A 150 -6.27 1.04 22.23
C ALA A 150 -6.69 2.26 23.06
N PHE A 151 -7.94 2.28 23.46
CA PHE A 151 -8.43 3.42 24.25
C PHE A 151 -7.87 3.41 25.64
N LEU A 152 -7.70 2.20 26.18
CA LEU A 152 -7.07 2.05 27.47
C LEU A 152 -5.64 2.63 27.47
N VAL A 153 -4.85 2.25 26.46
CA VAL A 153 -3.47 2.69 26.41
C VAL A 153 -3.45 4.22 26.30
N GLN A 154 -4.34 4.79 25.51
CA GLN A 154 -4.38 6.26 25.40
C GLN A 154 -4.77 6.97 26.70
N GLU A 155 -5.72 6.42 27.46
CA GLU A 155 -5.97 6.88 28.84
C GLU A 155 -4.72 6.84 29.69
N LYS A 156 -3.98 5.72 29.63
CA LYS A 156 -2.76 5.60 30.43
C LYS A 156 -1.71 6.62 30.01
N MET A 157 -1.73 7.02 28.75
CA MET A 157 -0.77 8.01 28.25
C MET A 157 -1.02 9.36 28.93
N LYS A 158 -2.27 9.65 29.31
CA LYS A 158 -2.58 10.90 30.04
C LYS A 158 -2.33 10.82 31.54
N GLU A 159 -2.40 9.62 32.10
CA GLU A 159 -2.25 9.49 33.54
C GLU A 159 -0.78 9.46 34.00
N LEU A 160 0.13 9.11 33.09
CA LEU A 160 1.47 8.73 33.55
C LEU A 160 2.60 9.76 33.38
N GLY A 161 2.26 10.99 33.03
CA GLY A 161 3.27 12.04 32.88
C GLY A 161 4.02 12.53 34.13
N ARG A 162 3.65 12.01 35.30
CA ARG A 162 4.29 12.41 36.58
C ARG A 162 4.12 13.91 36.84
N GLY A 163 2.99 14.47 36.41
CA GLY A 163 2.80 15.91 36.44
C GLY A 163 2.99 16.65 35.13
N LYS A 164 3.65 16.04 34.14
CA LYS A 164 3.82 16.75 32.88
C LYS A 164 2.91 16.16 31.81
N ASN A 165 2.77 16.84 30.68
CA ASN A 165 2.17 16.15 29.54
C ASN A 165 3.32 15.62 28.69
N LEU A 166 3.76 14.39 28.95
CA LEU A 166 4.92 13.84 28.26
C LEU A 166 4.56 13.35 26.88
N PRO A 167 5.44 13.57 25.89
CA PRO A 167 5.29 12.86 24.60
C PRO A 167 5.42 11.36 24.79
N ALA A 168 4.76 10.58 23.92
CA ALA A 168 4.74 9.14 24.03
C ALA A 168 5.25 8.50 22.77
N ILE A 169 5.96 7.39 22.96
CA ILE A 169 6.20 6.38 21.91
C ILE A 169 5.50 5.05 22.29
N LEU A 170 4.83 4.41 21.32
CA LEU A 170 4.17 3.10 21.57
C LEU A 170 4.58 2.06 20.51
N THR A 171 5.27 1.00 20.94
CA THR A 171 5.65 -0.12 20.08
C THR A 171 4.81 -1.37 20.41
N GLY A 172 4.79 -2.33 19.49
CA GLY A 172 4.24 -3.60 19.83
C GLY A 172 3.90 -4.50 18.67
N ASP A 173 3.39 -5.66 19.03
CA ASP A 173 2.84 -6.61 18.07
C ASP A 173 1.35 -6.46 18.25
N PHE A 174 0.72 -5.83 17.26
CA PHE A 174 -0.66 -5.48 17.31
C PHE A 174 -1.58 -6.57 16.70
N ASN A 175 -0.96 -7.65 16.25
CA ASN A 175 -1.66 -8.87 15.79
C ASN A 175 -2.37 -8.79 14.43
N VAL A 176 -3.23 -7.79 14.24
CA VAL A 176 -3.86 -7.51 12.95
C VAL A 176 -3.19 -6.30 12.27
N ASP A 177 -3.40 -6.13 10.97
CA ASP A 177 -2.70 -5.10 10.24
C ASP A 177 -3.49 -3.80 10.23
N GLN A 178 -2.99 -2.86 9.42
CA GLN A 178 -3.40 -1.45 9.38
C GLN A 178 -4.80 -1.25 8.74
N THR A 179 -5.41 -2.32 8.25
CA THR A 179 -6.74 -2.19 7.73
C THR A 179 -7.75 -2.46 8.86
N HIS A 180 -7.31 -2.76 10.09
CA HIS A 180 -8.28 -3.10 11.13
C HIS A 180 -8.78 -1.97 12.04
N GLN A 181 -9.83 -2.25 12.76
CA GLN A 181 -10.49 -1.24 13.55
C GLN A 181 -9.66 -0.85 14.75
N SER A 182 -8.90 -1.79 15.31
CA SER A 182 -8.00 -1.47 16.38
C SER A 182 -6.85 -0.55 15.91
N TYR A 183 -6.36 -0.69 14.67
CA TYR A 183 -5.34 0.26 14.16
C TYR A 183 -5.93 1.68 14.13
N ASP A 184 -7.10 1.83 13.49
CA ASP A 184 -7.75 3.14 13.40
C ASP A 184 -7.98 3.72 14.80
N ALA A 185 -8.40 2.89 15.76
CA ALA A 185 -8.53 3.36 17.15
C ALA A 185 -7.31 4.09 17.69
N PHE A 186 -6.08 3.65 17.31
CA PHE A 186 -4.86 4.33 17.81
C PHE A 186 -4.59 5.73 17.26
N VAL A 187 -4.94 5.95 16.00
CA VAL A 187 -4.58 7.15 15.27
C VAL A 187 -5.75 8.15 15.14
N SER A 188 -6.92 7.76 15.59
CA SER A 188 -8.14 8.53 15.28
C SER A 188 -8.39 9.72 16.26
N LYS A 189 -7.72 9.75 17.39
CA LYS A 189 -7.90 10.82 18.35
C LYS A 189 -6.90 11.97 18.23
N GLY A 190 -5.95 11.89 17.28
CA GLY A 190 -4.94 12.97 17.18
C GLY A 190 -3.82 12.83 18.20
N VAL A 191 -3.85 11.75 18.97
CA VAL A 191 -2.94 11.53 20.10
C VAL A 191 -1.65 10.79 19.68
N LEU A 192 -1.73 10.00 18.61
CA LEU A 192 -0.60 9.23 18.08
C LEU A 192 -0.65 9.17 16.57
N CYS A 193 0.52 9.02 15.96
CA CYS A 193 0.65 8.89 14.50
C CYS A 193 1.49 7.63 14.22
N ASP A 194 1.22 6.98 13.10
CA ASP A 194 1.98 5.84 12.63
C ASP A 194 3.26 6.36 12.01
N SER A 195 4.39 5.88 12.50
CA SER A 195 5.68 6.33 11.99
CA SER A 195 5.73 6.22 11.99
C SER A 195 5.83 5.95 10.51
N TYR A 196 5.14 4.89 10.06
CA TYR A 196 5.13 4.52 8.64
C TYR A 196 4.58 5.68 7.78
N GLU A 197 3.50 6.31 8.25
CA GLU A 197 2.88 7.42 7.48
C GLU A 197 3.65 8.75 7.66
N LYS A 198 4.31 8.91 8.79
CA LYS A 198 4.78 10.22 9.24
C LYS A 198 6.25 10.49 8.86
N CYS A 199 6.98 9.44 8.52
CA CYS A 199 8.42 9.51 8.37
C CYS A 199 8.80 10.39 7.18
N ASP A 200 9.90 11.16 7.29
CA ASP A 200 10.46 11.81 6.12
C ASP A 200 10.94 10.83 5.07
N TYR A 201 11.64 9.78 5.47
CA TYR A 201 12.14 8.80 4.52
C TYR A 201 11.66 7.42 4.94
N ARG A 202 11.25 6.61 3.97
CA ARG A 202 10.65 5.30 4.23
C ARG A 202 11.37 4.19 3.48
N TYR A 203 11.92 3.22 4.23
CA TYR A 203 12.60 2.07 3.63
C TYR A 203 11.84 0.82 4.05
N ALA A 204 11.01 0.32 3.14
CA ALA A 204 10.13 -0.76 3.51
C ALA A 204 10.04 -1.77 2.37
N LEU A 205 11.00 -2.70 2.33
CA LEU A 205 11.02 -3.73 1.27
C LEU A 205 10.08 -4.92 1.63
N ASN A 206 9.36 -4.82 2.75
CA ASN A 206 8.42 -5.87 3.12
C ASN A 206 7.55 -5.32 4.25
N GLY A 207 6.52 -6.10 4.61
CA GLY A 207 5.72 -5.84 5.80
C GLY A 207 6.41 -6.51 6.95
N THR A 208 5.75 -6.65 8.10
CA THR A 208 6.49 -6.95 9.29
C THR A 208 6.53 -8.40 9.75
N PHE A 209 5.55 -9.21 9.34
CA PHE A 209 5.53 -10.62 9.68
C PHE A 209 6.07 -11.46 8.50
N ASN A 210 6.89 -12.45 8.80
CA ASN A 210 7.52 -13.27 7.78
C ASN A 210 7.34 -14.80 7.98
N ASN A 211 6.89 -15.21 9.17
CA ASN A 211 6.56 -16.63 9.43
C ASN A 211 7.79 -17.55 9.30
N PHE A 212 8.98 -17.00 9.54
CA PHE A 212 10.21 -17.73 9.40
C PHE A 212 10.46 -18.13 7.96
N ASP A 213 9.72 -17.55 7.05
CA ASP A 213 9.97 -17.78 5.63
C ASP A 213 10.86 -16.62 5.05
N PRO A 214 12.08 -16.92 4.54
CA PRO A 214 12.94 -15.82 3.98
C PRO A 214 12.50 -15.30 2.59
N ASN A 215 11.42 -15.88 2.06
CA ASN A 215 10.88 -15.52 0.73
C ASN A 215 9.50 -14.89 0.76
N SER A 216 8.96 -14.63 1.95
CA SER A 216 7.61 -14.10 2.08
C SER A 216 7.53 -12.65 1.65
N PHE A 217 6.36 -12.23 1.19
CA PHE A 217 6.14 -10.79 1.04
C PHE A 217 4.75 -10.50 1.50
N THR A 218 4.56 -9.36 2.18
CA THR A 218 3.21 -8.86 2.46
C THR A 218 3.23 -7.33 2.51
N GLU A 219 2.09 -6.69 2.25
CA GLU A 219 1.94 -5.26 2.55
C GLU A 219 1.38 -5.06 3.98
N SER A 220 1.07 -6.13 4.67
CA SER A 220 0.49 -6.00 6.01
C SER A 220 1.56 -5.58 6.97
N ARG A 221 1.22 -4.65 7.85
CA ARG A 221 2.13 -4.36 8.94
C ARG A 221 1.37 -4.62 10.23
N ILE A 222 1.90 -5.50 11.09
CA ILE A 222 1.21 -5.87 12.34
C ILE A 222 2.07 -5.41 13.53
N ASP A 223 3.28 -4.94 13.22
CA ASP A 223 4.13 -4.34 14.22
C ASP A 223 4.25 -2.84 13.90
N HIS A 224 3.90 -1.98 14.87
CA HIS A 224 3.94 -0.55 14.66
C HIS A 224 4.77 0.15 15.71
N ILE A 225 5.27 1.32 15.31
CA ILE A 225 5.72 2.34 16.26
C ILE A 225 4.87 3.61 16.06
N PHE A 226 4.02 3.90 17.07
CA PHE A 226 3.13 5.09 17.04
C PHE A 226 3.79 6.13 17.95
N VAL A 227 3.79 7.40 17.59
CA VAL A 227 4.51 8.43 18.36
C VAL A 227 3.55 9.61 18.53
N SER A 228 3.66 10.36 19.63
CA SER A 228 2.96 11.68 19.69
C SER A 228 3.23 12.52 18.45
N PRO A 229 2.22 13.34 18.03
CA PRO A 229 2.43 14.21 16.84
C PRO A 229 3.56 15.22 17.02
N SER A 230 3.94 15.53 18.25
CA SER A 230 5.07 16.43 18.43
C SER A 230 6.44 15.86 18.06
N PHE A 231 6.58 14.55 17.81
CA PHE A 231 7.88 14.01 17.38
C PHE A 231 8.11 14.23 15.88
N HIS A 232 9.31 14.66 15.51
CA HIS A 232 9.78 14.58 14.11
C HIS A 232 10.30 13.19 13.78
N VAL A 233 9.64 12.51 12.83
CA VAL A 233 10.04 11.18 12.45
C VAL A 233 10.88 11.28 11.19
N LYS A 234 12.16 11.02 11.33
CA LYS A 234 13.12 11.29 10.30
C LYS A 234 13.20 10.09 9.33
N ARG A 235 13.00 8.87 9.85
CA ARG A 235 13.21 7.69 9.03
C ARG A 235 12.52 6.45 9.57
N TYR A 236 11.99 5.62 8.68
CA TYR A 236 11.28 4.40 9.05
C TYR A 236 11.93 3.30 8.20
N GLY A 237 12.30 2.19 8.83
CA GLY A 237 12.85 1.03 8.11
C GLY A 237 12.42 -0.35 8.59
N VAL A 238 12.21 -1.28 7.67
CA VAL A 238 12.01 -2.68 8.02
C VAL A 238 13.33 -3.40 7.74
N LEU A 239 13.93 -4.04 8.74
CA LEU A 239 15.21 -4.70 8.56
C LEU A 239 15.09 -6.13 8.12
N THR A 240 15.50 -6.42 6.89
CA THR A 240 15.26 -7.72 6.29
C THR A 240 16.53 -8.64 6.44
N ASP A 241 17.46 -8.25 7.31
CA ASP A 241 18.66 -9.04 7.62
C ASP A 241 18.37 -10.51 7.78
N THR A 242 19.17 -11.35 7.14
CA THR A 242 19.07 -12.81 7.32
C THR A 242 20.45 -13.44 7.62
N TYR A 243 20.46 -14.54 8.37
CA TYR A 243 21.67 -15.32 8.59
C TYR A 243 21.54 -16.60 7.76
N ARG A 244 22.50 -17.54 7.88
CA ARG A 244 22.41 -18.80 7.11
C ARG A 244 22.64 -19.98 8.02
N SER A 245 22.00 -21.11 7.73
CA SER A 245 22.33 -22.37 8.41
C SER A 245 22.54 -23.43 7.33
N VAL A 246 23.35 -24.43 7.66
CA VAL A 246 23.65 -25.57 6.77
C VAL A 246 22.37 -26.38 6.64
N ARG A 247 22.04 -26.74 5.40
CA ARG A 247 20.79 -27.44 5.08
C ARG A 247 20.98 -28.95 5.27
N GLU A 248 20.05 -29.75 4.75
CA GLU A 248 20.16 -31.22 4.80
C GLU A 248 19.50 -31.94 3.62
N ALA A 266 24.87 -26.44 0.20
CA ALA A 266 23.58 -25.82 0.33
C ALA A 266 23.52 -25.29 1.76
N TYR A 267 23.15 -24.03 1.84
CA TYR A 267 22.89 -23.37 3.08
C TYR A 267 21.53 -22.86 2.77
N GLU A 268 20.85 -22.37 3.78
CA GLU A 268 19.58 -21.72 3.54
C GLU A 268 19.49 -20.47 4.40
N ALA A 269 18.75 -19.50 3.87
CA ALA A 269 18.50 -18.25 4.55
C ALA A 269 17.53 -18.50 5.72
N ARG A 270 17.78 -17.79 6.82
CA ARG A 270 16.97 -17.88 8.03
C ARG A 270 16.72 -16.46 8.51
N THR A 271 15.50 -16.25 8.97
CA THR A 271 15.17 -14.99 9.64
C THR A 271 15.45 -15.10 11.15
N PRO A 272 16.06 -14.04 11.74
CA PRO A 272 16.39 -14.03 13.15
C PRO A 272 15.16 -14.14 14.04
N SER A 273 14.02 -13.67 13.55
CA SER A 273 12.74 -13.98 14.18
C SER A 273 11.70 -14.21 13.10
N ASP A 274 10.50 -14.60 13.51
CA ASP A 274 9.40 -14.66 12.54
C ASP A 274 8.72 -13.31 12.21
N HIS A 275 9.27 -12.20 12.74
CA HIS A 275 8.91 -10.84 12.33
C HIS A 275 10.22 -10.18 11.87
N PHE A 276 10.13 -9.08 11.12
CA PHE A 276 11.29 -8.23 10.94
C PHE A 276 11.16 -7.11 11.98
N PRO A 277 12.30 -6.59 12.48
CA PRO A 277 12.24 -5.41 13.35
C PRO A 277 11.80 -4.19 12.56
N VAL A 278 11.12 -3.27 13.26
CA VAL A 278 10.80 -1.96 12.72
C VAL A 278 11.69 -0.99 13.44
N LYS A 279 12.46 -0.24 12.68
CA LYS A 279 13.43 0.70 13.20
C LYS A 279 13.00 2.12 12.84
N VAL A 280 12.91 3.00 13.82
CA VAL A 280 12.52 4.38 13.55
C VAL A 280 13.51 5.38 14.13
N GLU A 281 13.87 6.39 13.33
CA GLU A 281 14.71 7.44 13.87
C GLU A 281 13.89 8.68 14.10
N LEU A 282 13.93 9.18 15.35
CA LEU A 282 13.08 10.32 15.76
C LEU A 282 13.95 11.43 16.41
N VAL A 283 13.50 12.67 16.26
CA VAL A 283 14.22 13.79 16.81
C VAL A 283 13.72 14.20 18.18
N PHE A 284 14.65 14.09 19.15
CA PHE A 284 14.47 14.39 20.58
C PHE A 284 14.84 15.81 20.92
N SER B 1 -14.01 -14.69 -23.57
CA SER B 1 -15.44 -14.35 -23.34
C SER B 1 -15.60 -12.86 -23.64
N LEU B 2 -15.12 -11.96 -22.78
CA LEU B 2 -15.26 -10.51 -23.02
C LEU B 2 -14.02 -9.85 -23.65
N THR B 3 -14.26 -8.86 -24.53
CA THR B 3 -13.20 -8.18 -25.23
C THR B 3 -12.97 -6.74 -24.72
N VAL B 4 -11.78 -6.48 -24.20
CA VAL B 4 -11.47 -5.17 -23.72
C VAL B 4 -10.31 -4.70 -24.56
N ALA B 5 -10.14 -3.38 -24.70
CA ALA B 5 -9.00 -2.82 -25.42
C ALA B 5 -8.52 -1.52 -24.81
N SER B 6 -7.38 -1.07 -25.30
CA SER B 6 -6.81 0.20 -24.90
C SER B 6 -6.38 0.78 -26.24
N TYR B 7 -6.82 1.99 -26.51
CA TYR B 7 -6.47 2.61 -27.80
C TYR B 7 -6.24 4.13 -27.66
N ASN B 8 -4.98 4.55 -27.85
CA ASN B 8 -4.66 5.96 -27.92
C ASN B 8 -5.08 6.51 -29.28
N LEU B 9 -6.10 7.40 -29.30
CA LEU B 9 -6.66 7.87 -30.55
C LEU B 9 -5.94 9.06 -31.21
N ARG B 10 -4.92 9.61 -30.52
CA ARG B 10 -4.15 10.76 -31.01
C ARG B 10 -4.95 12.08 -31.02
N ASN B 11 -4.48 13.04 -30.21
CA ASN B 11 -5.11 14.35 -30.08
CA ASN B 11 -5.16 14.33 -30.10
C ASN B 11 -5.27 14.98 -31.48
N ALA B 12 -6.41 15.55 -31.79
CA ALA B 12 -6.61 16.17 -33.13
C ALA B 12 -5.80 17.45 -33.28
N ASN B 13 -4.99 17.55 -34.32
CA ASN B 13 -4.19 18.77 -34.54
C ASN B 13 -3.87 19.00 -36.02
N GLY B 14 -3.33 20.19 -36.32
CA GLY B 14 -3.25 20.69 -37.69
C GLY B 14 -2.09 20.03 -38.39
N SER B 15 -1.05 19.80 -37.62
CA SER B 15 0.15 19.18 -38.10
C SER B 15 -0.16 17.76 -38.65
N ASP B 16 -0.99 17.00 -37.95
CA ASP B 16 -1.46 15.74 -38.53
C ASP B 16 -2.26 15.89 -39.82
N SER B 17 -3.25 16.79 -39.84
CA SER B 17 -4.03 17.04 -41.06
C SER B 17 -3.23 17.40 -42.29
N ALA B 18 -2.14 18.14 -42.13
CA ALA B 18 -1.27 18.53 -43.25
C ALA B 18 -0.40 17.38 -43.76
N ARG B 19 -0.09 16.41 -42.90
CA ARG B 19 0.75 15.26 -43.29
C ARG B 19 -0.14 14.14 -43.83
N GLY B 20 -1.44 14.33 -43.82
CA GLY B 20 -2.34 13.32 -44.34
C GLY B 20 -2.86 12.34 -43.30
N ASP B 21 -2.74 12.72 -42.03
CA ASP B 21 -3.25 11.89 -40.95
C ASP B 21 -4.32 12.64 -40.16
N GLY B 22 -5.18 13.37 -40.87
CA GLY B 22 -6.16 14.20 -40.22
C GLY B 22 -7.20 13.37 -39.50
N TRP B 23 -7.67 13.91 -38.40
CA TRP B 23 -8.71 13.29 -37.58
C TRP B 23 -9.97 12.92 -38.38
N GLY B 24 -10.48 13.83 -39.22
CA GLY B 24 -11.72 13.51 -39.95
C GLY B 24 -11.54 12.36 -40.94
N GLN B 25 -10.33 12.17 -41.42
CA GLN B 25 -9.99 11.01 -42.26
C GLN B 25 -9.81 9.71 -41.46
N ARG B 26 -9.17 9.80 -40.27
CA ARG B 26 -8.83 8.63 -39.40
C ARG B 26 -10.01 8.06 -38.64
N TYR B 27 -10.83 8.93 -38.07
CA TYR B 27 -11.66 8.49 -37.01
C TYR B 27 -12.70 7.50 -37.52
N PRO B 28 -13.23 7.68 -38.76
CA PRO B 28 -14.15 6.67 -39.26
C PRO B 28 -13.52 5.28 -39.34
N VAL B 29 -12.21 5.22 -39.57
CA VAL B 29 -11.55 3.91 -39.66
C VAL B 29 -11.44 3.29 -38.28
N ILE B 30 -11.02 4.13 -37.32
CA ILE B 30 -10.98 3.75 -35.91
C ILE B 30 -12.32 3.20 -35.46
N ALA B 31 -13.44 3.88 -35.77
CA ALA B 31 -14.76 3.40 -35.36
C ALA B 31 -15.08 2.03 -35.96
N GLN B 32 -14.71 1.81 -37.22
CA GLN B 32 -14.91 0.53 -37.87
C GLN B 32 -14.07 -0.60 -37.22
N MET B 33 -12.86 -0.27 -36.82
CA MET B 33 -12.03 -1.24 -36.04
C MET B 33 -12.73 -1.67 -34.75
N VAL B 34 -13.15 -0.67 -34.00
CA VAL B 34 -13.87 -0.88 -32.77
C VAL B 34 -15.05 -1.82 -32.96
N GLN B 35 -15.80 -1.62 -34.03
CA GLN B 35 -16.99 -2.43 -34.27
C GLN B 35 -16.63 -3.78 -34.79
N TYR B 36 -15.72 -3.84 -35.75
CA TYR B 36 -15.37 -5.11 -36.38
C TYR B 36 -14.71 -6.09 -35.43
N HIS B 37 -13.83 -5.58 -34.58
CA HIS B 37 -13.03 -6.43 -33.68
C HIS B 37 -13.77 -6.47 -32.36
N ASP B 38 -14.93 -5.81 -32.31
CA ASP B 38 -15.94 -6.12 -31.27
C ASP B 38 -15.51 -5.76 -29.86
N PHE B 39 -15.03 -4.55 -29.65
CA PHE B 39 -14.60 -4.15 -28.32
C PHE B 39 -15.85 -3.97 -27.47
N ASP B 40 -15.91 -4.66 -26.34
CA ASP B 40 -17.04 -4.51 -25.44
C ASP B 40 -16.82 -3.30 -24.54
N ILE B 41 -15.58 -3.12 -24.11
CA ILE B 41 -15.25 -1.94 -23.34
C ILE B 41 -13.80 -1.59 -23.64
N PHE B 42 -13.51 -0.29 -23.76
CA PHE B 42 -12.14 0.10 -24.07
C PHE B 42 -11.79 1.46 -23.53
N GLY B 43 -10.56 1.57 -23.06
CA GLY B 43 -9.98 2.86 -22.66
C GLY B 43 -9.41 3.55 -23.88
N THR B 44 -9.67 4.86 -24.00
CA THR B 44 -9.01 5.69 -25.03
C THR B 44 -8.12 6.74 -24.39
N GLN B 45 -7.15 7.24 -25.15
CA GLN B 45 -6.40 8.35 -24.67
C GLN B 45 -6.36 9.45 -25.71
N GLU B 46 -6.19 10.69 -25.24
CA GLU B 46 -5.86 11.89 -26.04
C GLU B 46 -6.99 12.66 -26.68
N CYS B 47 -8.24 12.23 -26.53
CA CYS B 47 -9.34 12.92 -27.20
C CYS B 47 -9.77 14.19 -26.48
N PHE B 48 -9.99 15.27 -27.24
CA PHE B 48 -10.77 16.41 -26.76
C PHE B 48 -12.21 16.03 -26.86
N LEU B 49 -13.09 16.77 -26.20
CA LEU B 49 -14.52 16.45 -26.26
C LEU B 49 -15.03 16.33 -27.68
N HIS B 50 -14.53 17.14 -28.59
CA HIS B 50 -15.14 17.09 -29.94
C HIS B 50 -14.81 15.75 -30.65
N GLN B 51 -13.62 15.20 -30.38
CA GLN B 51 -13.27 13.81 -30.80
C GLN B 51 -14.20 12.77 -30.21
N LEU B 52 -14.50 12.92 -28.93
CA LEU B 52 -15.34 11.94 -28.28
C LEU B 52 -16.75 11.94 -28.90
N LYS B 53 -17.27 13.13 -29.26
CA LYS B 53 -18.63 13.19 -29.85
C LYS B 53 -18.65 12.58 -31.24
N ASP B 54 -17.62 12.83 -32.04
CA ASP B 54 -17.44 12.10 -33.30
C ASP B 54 -17.46 10.59 -33.08
N MET B 55 -16.63 10.10 -32.16
CA MET B 55 -16.57 8.65 -31.90
C MET B 55 -17.93 8.14 -31.43
N LYS B 56 -18.55 8.83 -30.49
CA LYS B 56 -19.85 8.34 -30.06
C LYS B 56 -20.83 8.29 -31.21
N GLU B 57 -20.85 9.32 -32.05
CA GLU B 57 -21.79 9.35 -33.15
C GLU B 57 -21.53 8.18 -34.11
N ALA B 58 -20.28 7.79 -34.30
CA ALA B 58 -19.96 6.67 -35.17
C ALA B 58 -20.03 5.30 -34.51
N LEU B 59 -20.37 5.25 -33.22
CA LEU B 59 -20.49 4.00 -32.45
C LEU B 59 -21.88 3.80 -31.84
N PRO B 60 -22.87 3.57 -32.70
CA PRO B 60 -24.18 3.33 -32.17
C PRO B 60 -24.17 2.13 -31.22
N GLY B 61 -24.84 2.26 -30.09
CA GLY B 61 -24.77 1.19 -29.12
C GLY B 61 -23.63 1.29 -28.12
N TYR B 62 -22.84 2.35 -28.21
CA TYR B 62 -21.76 2.57 -27.26
C TYR B 62 -22.06 3.83 -26.48
N ASP B 63 -21.62 3.86 -25.24
CA ASP B 63 -21.48 5.14 -24.55
C ASP B 63 -20.05 5.29 -24.01
N TYR B 64 -19.74 6.44 -23.42
CA TYR B 64 -18.48 6.60 -22.72
C TYR B 64 -18.61 7.35 -21.41
N ILE B 65 -17.64 7.17 -20.53
CA ILE B 65 -17.51 7.96 -19.34
C ILE B 65 -16.12 8.59 -19.31
N GLY B 66 -15.99 9.64 -18.50
CA GLY B 66 -14.71 10.30 -18.26
C GLY B 66 -14.84 11.80 -18.39
N VAL B 67 -14.16 12.57 -17.55
CA VAL B 67 -14.13 14.03 -17.76
C VAL B 67 -12.81 14.56 -18.31
N GLY B 68 -12.78 15.84 -18.67
CA GLY B 68 -11.59 16.40 -19.29
C GLY B 68 -10.54 16.65 -18.22
N ARG B 69 -9.26 16.46 -18.56
CA ARG B 69 -8.24 16.52 -17.54
C ARG B 69 -7.91 17.93 -17.08
N ASP B 70 -8.33 18.95 -17.81
CA ASP B 70 -7.86 20.29 -17.49
C ASP B 70 -8.71 20.93 -16.39
N ASP B 71 -10.01 20.65 -16.36
CA ASP B 71 -10.89 21.34 -15.43
C ASP B 71 -11.89 20.35 -14.87
N GLY B 72 -11.75 19.09 -15.22
CA GLY B 72 -12.68 18.06 -14.69
C GLY B 72 -14.09 18.18 -15.19
N LYS B 73 -14.25 18.95 -16.27
CA LYS B 73 -15.50 19.04 -17.01
C LYS B 73 -15.23 18.78 -18.51
N ASP B 74 -15.32 19.81 -19.36
CA ASP B 74 -15.22 19.63 -20.81
C ASP B 74 -13.86 19.97 -21.39
N LYS B 75 -12.97 20.52 -20.59
CA LYS B 75 -11.78 21.07 -21.15
C LYS B 75 -10.66 20.06 -21.06
N GLY B 76 -9.90 19.93 -22.15
CA GLY B 76 -8.64 19.22 -22.15
C GLY B 76 -8.81 17.80 -22.65
N GLU B 77 -7.68 17.09 -22.76
CA GLU B 77 -7.69 15.66 -23.10
C GLU B 77 -8.43 14.84 -22.08
N HIS B 78 -9.05 13.78 -22.55
CA HIS B 78 -9.75 12.81 -21.68
C HIS B 78 -9.06 11.44 -21.62
N SER B 79 -9.24 10.76 -20.50
CA SER B 79 -9.03 9.32 -20.46
C SER B 79 -10.35 8.55 -20.59
N ALA B 80 -11.13 8.79 -21.66
CA ALA B 80 -12.53 8.28 -21.74
C ALA B 80 -12.58 6.79 -21.88
N ILE B 81 -13.58 6.16 -21.25
CA ILE B 81 -13.84 4.73 -21.39
C ILE B 81 -15.13 4.56 -22.14
N PHE B 82 -15.07 3.86 -23.29
CA PHE B 82 -16.20 3.56 -24.11
C PHE B 82 -16.69 2.15 -23.79
N TYR B 83 -18.00 1.95 -23.84
CA TYR B 83 -18.53 0.60 -23.58
C TYR B 83 -19.85 0.35 -24.36
N ARG B 84 -20.10 -0.94 -24.67
CA ARG B 84 -21.36 -1.39 -25.27
C ARG B 84 -22.46 -1.39 -24.19
N THR B 85 -23.49 -0.56 -24.37
CA THR B 85 -24.53 -0.36 -23.37
C THR B 85 -25.52 -1.56 -23.28
N ASP B 86 -25.59 -2.38 -24.31
CA ASP B 86 -26.32 -3.63 -24.15
C ASP B 86 -25.49 -4.73 -23.52
N LYS B 87 -24.21 -4.50 -23.21
CA LYS B 87 -23.47 -5.55 -22.48
C LYS B 87 -23.22 -5.22 -21.01
N PHE B 88 -22.99 -3.94 -20.73
CA PHE B 88 -22.62 -3.51 -19.38
C PHE B 88 -23.48 -2.39 -18.87
N ASP B 89 -23.90 -2.49 -17.60
CA ASP B 89 -24.38 -1.32 -16.87
C ASP B 89 -23.24 -0.65 -16.10
N ILE B 90 -23.38 0.64 -15.91
CA ILE B 90 -22.49 1.33 -15.04
C ILE B 90 -23.16 1.48 -13.69
N VAL B 91 -22.54 0.89 -12.67
CA VAL B 91 -22.98 1.02 -11.28
C VAL B 91 -22.56 2.35 -10.66
N GLU B 92 -21.33 2.76 -10.90
CA GLU B 92 -20.80 4.00 -10.34
CA GLU B 92 -20.74 3.94 -10.26
C GLU B 92 -19.61 4.35 -11.22
N LYS B 93 -19.14 5.61 -11.16
CA LYS B 93 -18.00 6.01 -12.00
C LYS B 93 -17.40 7.23 -11.36
N GLY B 94 -16.24 7.66 -11.86
CA GLY B 94 -15.49 8.72 -11.20
C GLY B 94 -14.20 8.92 -11.95
N ASP B 95 -13.43 9.91 -11.50
CA ASP B 95 -12.17 10.26 -12.12
C ASP B 95 -11.27 10.80 -11.04
N PHE B 96 -9.99 10.55 -11.14
CA PHE B 96 -9.10 11.20 -10.21
C PHE B 96 -7.80 11.62 -10.89
N TRP B 97 -7.17 12.65 -10.35
CA TRP B 97 -5.92 13.17 -10.94
C TRP B 97 -4.70 12.46 -10.39
N LEU B 98 -3.65 12.34 -11.21
CA LEU B 98 -2.45 11.57 -10.80
C LEU B 98 -1.48 12.53 -10.13
N SER B 99 -1.78 12.83 -8.86
CA SER B 99 -1.09 13.85 -8.10
C SER B 99 -1.27 13.55 -6.61
N GLU B 100 -0.59 14.35 -5.81
CA GLU B 100 -0.77 14.40 -4.36
C GLU B 100 -2.18 14.84 -3.94
N THR B 101 -2.95 15.47 -4.84
CA THR B 101 -4.34 15.90 -4.55
C THR B 101 -5.30 15.34 -5.60
N PRO B 102 -5.59 14.02 -5.53
CA PRO B 102 -6.25 13.31 -6.62
C PRO B 102 -7.68 13.78 -6.90
N ASP B 103 -8.27 14.50 -5.95
CA ASP B 103 -9.68 14.86 -6.07
C ASP B 103 -9.88 16.12 -6.90
N VAL B 104 -8.81 16.83 -7.23
CA VAL B 104 -8.96 18.07 -7.98
C VAL B 104 -7.99 18.12 -9.17
N PRO B 105 -8.37 18.86 -10.24
CA PRO B 105 -7.49 19.01 -11.37
C PRO B 105 -6.18 19.56 -10.84
N SER B 106 -5.07 18.86 -11.07
CA SER B 106 -3.79 19.22 -10.45
C SER B 106 -2.70 18.43 -11.16
N LYS B 107 -1.51 19.01 -11.29
CA LYS B 107 -0.36 18.27 -11.78
C LYS B 107 0.23 17.54 -10.61
N GLY B 108 0.95 16.45 -10.85
CA GLY B 108 1.49 15.67 -9.73
C GLY B 108 3.01 15.59 -9.68
N TRP B 109 3.57 15.58 -8.48
CA TRP B 109 5.00 15.33 -8.33
C TRP B 109 5.87 16.17 -9.30
N ASP B 110 6.67 15.53 -10.15
CA ASP B 110 7.52 16.20 -11.13
C ASP B 110 6.98 16.17 -12.58
N ALA B 111 5.68 16.01 -12.71
CA ALA B 111 5.02 15.94 -14.03
C ALA B 111 4.85 17.36 -14.59
N VAL B 112 4.88 17.50 -15.91
CA VAL B 112 4.63 18.79 -16.57
C VAL B 112 3.19 19.11 -16.94
N LEU B 113 2.34 18.09 -17.04
CA LEU B 113 0.94 18.33 -17.38
C LEU B 113 0.07 17.62 -16.37
N PRO B 114 -1.18 18.09 -16.17
CA PRO B 114 -2.16 17.38 -15.34
C PRO B 114 -2.50 16.08 -16.04
N ARG B 115 -2.61 14.98 -15.29
CA ARG B 115 -2.95 13.66 -15.86
C ARG B 115 -4.15 13.09 -15.13
N ILE B 116 -5.05 12.47 -15.88
CA ILE B 116 -6.29 11.99 -15.30
C ILE B 116 -6.47 10.49 -15.51
N CYS B 117 -6.97 9.84 -14.47
CA CYS B 117 -7.42 8.45 -14.53
C CYS B 117 -8.92 8.42 -14.33
N SER B 118 -9.63 7.86 -15.30
CA SER B 118 -11.07 7.70 -15.22
C SER B 118 -11.38 6.24 -14.95
N TRP B 119 -12.50 6.00 -14.26
CA TRP B 119 -12.86 4.61 -13.93
C TRP B 119 -14.35 4.46 -13.89
N GLY B 120 -14.79 3.22 -14.03
CA GLY B 120 -16.17 2.85 -13.87
C GLY B 120 -16.23 1.53 -13.13
N HIS B 121 -17.23 1.41 -12.28
CA HIS B 121 -17.57 0.15 -11.65
C HIS B 121 -18.64 -0.39 -12.59
N PHE B 122 -18.33 -1.50 -13.26
CA PHE B 122 -19.23 -2.02 -14.32
C PHE B 122 -19.92 -3.28 -13.85
N LYS B 123 -21.05 -3.62 -14.45
CA LYS B 123 -21.74 -4.88 -14.18
C LYS B 123 -22.19 -5.52 -15.49
N CYS B 124 -21.78 -6.77 -15.69
CA CYS B 124 -22.11 -7.51 -16.92
C CYS B 124 -23.61 -7.83 -16.95
N LYS B 125 -24.34 -7.24 -17.90
CA LYS B 125 -25.79 -7.37 -17.97
C LYS B 125 -26.31 -8.79 -18.07
N ASP B 126 -25.55 -9.68 -18.70
CA ASP B 126 -25.90 -11.10 -18.81
C ASP B 126 -25.53 -11.95 -17.58
N THR B 127 -24.29 -11.87 -17.10
CA THR B 127 -23.87 -12.74 -15.99
C THR B 127 -23.94 -12.08 -14.61
N GLY B 128 -24.12 -10.76 -14.54
CA GLY B 128 -24.05 -10.05 -13.25
C GLY B 128 -22.63 -9.75 -12.72
N PHE B 129 -21.60 -10.29 -13.36
CA PHE B 129 -20.23 -10.13 -12.89
C PHE B 129 -19.90 -8.61 -12.84
N GLU B 130 -19.34 -8.17 -11.70
CA GLU B 130 -18.97 -6.78 -11.43
C GLU B 130 -17.47 -6.64 -11.34
N PHE B 131 -16.97 -5.49 -11.75
CA PHE B 131 -15.53 -5.26 -11.81
C PHE B 131 -15.28 -3.77 -11.99
N LEU B 132 -14.04 -3.37 -11.70
CA LEU B 132 -13.59 -2.01 -11.92
C LEU B 132 -12.75 -1.93 -13.21
N PHE B 133 -12.93 -0.86 -13.97
CA PHE B 133 -12.18 -0.64 -15.19
C PHE B 133 -11.50 0.73 -15.07
N PHE B 134 -10.18 0.77 -15.02
CA PHE B 134 -9.43 2.06 -14.90
C PHE B 134 -8.74 2.37 -16.22
N ASN B 135 -8.52 3.67 -16.52
CA ASN B 135 -7.88 4.06 -17.79
C ASN B 135 -7.20 5.39 -17.61
N LEU B 136 -5.97 5.54 -18.09
CA LEU B 136 -5.14 6.72 -17.71
C LEU B 136 -4.17 7.04 -18.81
N HIS B 137 -3.54 8.20 -18.70
CA HIS B 137 -2.48 8.55 -19.62
C HIS B 137 -1.37 9.24 -18.81
N MET B 138 -0.20 8.60 -18.73
CA MET B 138 0.85 8.99 -17.81
C MET B 138 1.63 10.22 -18.32
N ASP B 139 2.40 10.83 -17.44
CA ASP B 139 3.25 11.96 -17.85
C ASP B 139 4.52 11.54 -18.58
N HIS B 140 4.89 12.28 -19.62
CA HIS B 140 6.14 11.99 -20.34
C HIS B 140 7.37 12.55 -19.65
N ILE B 141 7.21 13.55 -18.81
CA ILE B 141 8.38 14.15 -18.17
C ILE B 141 8.66 13.62 -16.77
N GLY B 142 7.66 13.54 -15.91
CA GLY B 142 7.93 13.20 -14.51
C GLY B 142 8.11 11.72 -14.20
N LYS B 143 9.36 11.30 -14.02
CA LYS B 143 9.63 9.93 -13.62
C LYS B 143 9.00 9.57 -12.27
N LYS B 144 9.15 10.45 -11.28
CA LYS B 144 8.61 10.17 -9.95
C LYS B 144 7.10 10.08 -10.06
N ALA B 145 6.57 10.98 -10.91
CA ALA B 145 5.14 11.08 -11.12
C ALA B 145 4.59 9.77 -11.66
N ARG B 146 5.26 9.17 -12.67
CA ARG B 146 4.81 7.87 -13.17
C ARG B 146 4.87 6.79 -12.10
N VAL B 147 5.95 6.71 -11.31
CA VAL B 147 6.03 5.64 -10.32
C VAL B 147 4.95 5.85 -9.26
N GLU B 148 4.82 7.10 -8.78
CA GLU B 148 3.88 7.38 -7.70
C GLU B 148 2.47 7.15 -8.21
N SER B 149 2.25 7.45 -9.51
CA SER B 149 0.90 7.29 -10.10
C SER B 149 0.55 5.81 -10.07
N ALA B 150 1.51 4.94 -10.36
CA ALA B 150 1.24 3.50 -10.33
C ALA B 150 0.76 3.09 -8.95
N PHE B 151 1.39 3.61 -7.90
CA PHE B 151 0.99 3.21 -6.55
C PHE B 151 -0.35 3.81 -6.12
N LEU B 152 -0.60 5.05 -6.55
CA LEU B 152 -1.92 5.67 -6.35
C LEU B 152 -3.04 4.86 -6.97
N VAL B 153 -2.91 4.52 -8.25
CA VAL B 153 -3.95 3.72 -8.91
C VAL B 153 -4.22 2.45 -8.11
N GLN B 154 -3.14 1.80 -7.66
CA GLN B 154 -3.30 0.63 -6.80
C GLN B 154 -4.08 0.86 -5.47
N GLU B 155 -3.83 1.99 -4.81
CA GLU B 155 -4.64 2.40 -3.62
C GLU B 155 -6.08 2.59 -4.02
N LYS B 156 -6.33 3.26 -5.14
CA LYS B 156 -7.75 3.51 -5.53
C LYS B 156 -8.46 2.24 -5.91
N MET B 157 -7.72 1.29 -6.47
CA MET B 157 -8.25 -0.04 -6.71
C MET B 157 -8.83 -0.72 -5.46
N LYS B 158 -8.15 -0.55 -4.33
CA LYS B 158 -8.59 -1.13 -3.07
C LYS B 158 -9.79 -0.39 -2.52
N GLU B 159 -9.85 0.92 -2.72
CA GLU B 159 -10.91 1.70 -2.11
C GLU B 159 -12.21 1.86 -2.89
N LEU B 160 -12.23 1.54 -4.18
CA LEU B 160 -13.43 1.82 -4.97
C LEU B 160 -14.44 0.68 -5.17
N GLY B 161 -14.29 -0.43 -4.45
CA GLY B 161 -15.30 -1.50 -4.56
C GLY B 161 -16.80 -1.38 -4.15
N ARG B 162 -17.24 -0.20 -3.69
CA ARG B 162 -18.62 -0.03 -3.23
C ARG B 162 -18.95 -1.11 -2.19
N GLY B 163 -18.00 -1.41 -1.32
CA GLY B 163 -18.19 -2.46 -0.33
C GLY B 163 -17.62 -3.81 -0.65
N LYS B 164 -17.28 -4.05 -1.93
CA LYS B 164 -16.70 -5.32 -2.34
C LYS B 164 -15.23 -5.21 -2.66
N ASN B 165 -14.53 -6.34 -2.67
CA ASN B 165 -13.24 -6.42 -3.36
C ASN B 165 -13.49 -6.84 -4.81
N LEU B 166 -13.58 -5.87 -5.69
CA LEU B 166 -13.91 -6.14 -7.06
C LEU B 166 -12.61 -6.41 -7.78
N PRO B 167 -12.58 -7.33 -8.76
CA PRO B 167 -11.40 -7.42 -9.64
C PRO B 167 -11.30 -6.19 -10.55
N ALA B 168 -10.07 -5.85 -10.99
CA ALA B 168 -9.82 -4.63 -11.72
C ALA B 168 -9.14 -4.89 -13.09
N ILE B 169 -9.45 -4.01 -14.06
CA ILE B 169 -8.76 -3.94 -15.35
C ILE B 169 -8.22 -2.52 -15.49
N LEU B 170 -7.00 -2.37 -15.98
CA LEU B 170 -6.36 -1.05 -16.09
C LEU B 170 -5.76 -0.97 -17.48
N THR B 171 -6.28 -0.07 -18.30
CA THR B 171 -5.72 0.18 -19.59
C THR B 171 -5.06 1.57 -19.56
N GLY B 172 -4.26 1.87 -20.57
CA GLY B 172 -3.67 3.18 -20.68
C GLY B 172 -2.54 3.38 -21.67
N ASP B 173 -2.16 4.65 -21.85
CA ASP B 173 -0.87 5.03 -22.47
C ASP B 173 0.08 5.33 -21.31
N PHE B 174 0.99 4.39 -21.07
CA PHE B 174 1.92 4.54 -19.94
C PHE B 174 3.19 5.32 -20.29
N ASN B 175 3.24 5.80 -21.53
CA ASN B 175 4.33 6.66 -22.00
C ASN B 175 5.68 6.00 -22.25
N VAL B 176 6.23 5.37 -21.22
CA VAL B 176 7.46 4.60 -21.35
C VAL B 176 7.14 3.08 -21.45
N ASP B 177 8.11 2.26 -21.85
CA ASP B 177 7.81 0.86 -22.15
C ASP B 177 8.12 -0.01 -20.91
N GLN B 178 7.93 -1.32 -21.08
CA GLN B 178 7.97 -2.35 -20.06
C GLN B 178 9.32 -2.55 -19.34
N THR B 179 10.36 -1.90 -19.83
CA THR B 179 11.67 -1.99 -19.18
C THR B 179 11.81 -0.91 -18.10
N HIS B 180 10.81 -0.04 -17.94
CA HIS B 180 10.93 1.09 -17.01
C HIS B 180 10.38 0.85 -15.59
N GLN B 181 10.79 1.71 -14.67
CA GLN B 181 10.44 1.55 -13.28
C GLN B 181 8.94 1.55 -13.00
N SER B 182 8.17 2.41 -13.68
CA SER B 182 6.75 2.50 -13.40
C SER B 182 5.99 1.27 -13.94
N TYR B 183 6.56 0.57 -14.91
CA TYR B 183 5.99 -0.73 -15.30
C TYR B 183 6.14 -1.75 -14.13
N ASP B 184 7.33 -1.86 -13.58
CA ASP B 184 7.52 -2.74 -12.42
C ASP B 184 6.62 -2.34 -11.23
N ALA B 185 6.44 -1.03 -11.01
CA ALA B 185 5.54 -0.61 -9.93
C ALA B 185 4.17 -1.33 -9.99
N PHE B 186 3.66 -1.60 -11.19
CA PHE B 186 2.39 -2.26 -11.33
C PHE B 186 2.50 -3.77 -11.07
N VAL B 187 3.54 -4.41 -11.63
CA VAL B 187 3.52 -5.86 -11.79
C VAL B 187 4.47 -6.59 -10.81
N SER B 188 5.39 -5.89 -10.18
CA SER B 188 6.48 -6.59 -9.44
C SER B 188 6.01 -7.39 -8.22
N LYS B 189 4.88 -7.06 -7.61
CA LYS B 189 4.38 -7.88 -6.52
C LYS B 189 3.15 -8.71 -6.88
N GLY B 190 2.86 -8.81 -8.17
CA GLY B 190 1.70 -9.58 -8.60
C GLY B 190 0.37 -8.97 -8.25
N VAL B 191 0.33 -7.69 -7.86
CA VAL B 191 -0.97 -7.05 -7.64
C VAL B 191 -1.77 -6.97 -8.97
N LEU B 192 -1.06 -6.76 -10.08
CA LEU B 192 -1.67 -6.86 -11.39
C LEU B 192 -0.70 -7.61 -12.29
N CYS B 193 -1.22 -8.14 -13.37
CA CYS B 193 -0.52 -8.93 -14.34
C CYS B 193 -0.64 -8.22 -15.69
N ASP B 194 0.48 -8.17 -16.44
CA ASP B 194 0.47 -7.72 -17.80
C ASP B 194 -0.16 -8.81 -18.73
N SER B 195 -1.23 -8.44 -19.43
CA SER B 195 -1.95 -9.35 -20.33
CA SER B 195 -1.95 -9.36 -20.31
C SER B 195 -1.01 -9.91 -21.37
N TYR B 196 0.00 -9.12 -21.76
CA TYR B 196 1.01 -9.59 -22.72
C TYR B 196 1.76 -10.80 -22.15
N GLU B 197 2.04 -10.79 -20.83
CA GLU B 197 2.82 -11.90 -20.20
C GLU B 197 1.93 -13.08 -19.85
N LYS B 198 0.67 -12.83 -19.51
CA LYS B 198 -0.22 -13.83 -18.94
C LYS B 198 -1.24 -14.47 -19.89
N CYS B 199 -1.29 -14.07 -21.15
CA CYS B 199 -2.30 -14.58 -22.10
C CYS B 199 -2.02 -16.02 -22.42
N ASP B 200 -3.06 -16.81 -22.64
CA ASP B 200 -2.87 -18.15 -23.21
C ASP B 200 -2.28 -18.05 -24.62
N TYR B 201 -2.73 -17.06 -25.39
CA TYR B 201 -2.32 -16.94 -26.80
C TYR B 201 -1.87 -15.49 -27.10
N ARG B 202 -0.71 -15.33 -27.73
CA ARG B 202 -0.15 -14.01 -27.94
C ARG B 202 -0.05 -13.74 -29.42
N TYR B 203 -0.75 -12.74 -29.95
CA TYR B 203 -0.53 -12.30 -31.36
C TYR B 203 0.09 -10.89 -31.30
N ALA B 204 1.38 -10.77 -31.55
CA ALA B 204 2.04 -9.46 -31.40
C ALA B 204 3.03 -9.28 -32.51
N LEU B 205 2.58 -8.75 -33.64
CA LEU B 205 3.46 -8.55 -34.80
C LEU B 205 4.17 -7.21 -34.70
N ASN B 206 3.90 -6.46 -33.64
CA ASN B 206 4.60 -5.20 -33.48
C ASN B 206 4.44 -4.81 -31.99
N GLY B 207 5.10 -3.76 -31.55
CA GLY B 207 4.73 -3.10 -30.30
C GLY B 207 3.64 -2.08 -30.56
N THR B 208 3.43 -1.13 -29.63
CA THR B 208 2.18 -0.44 -29.65
C THR B 208 2.26 0.98 -30.25
N PHE B 209 3.46 1.55 -30.33
CA PHE B 209 3.59 2.91 -30.88
C PHE B 209 4.10 2.77 -32.30
N ASN B 210 3.45 3.46 -33.25
CA ASN B 210 3.93 3.38 -34.63
C ASN B 210 4.37 4.74 -35.26
N ASN B 211 4.11 5.85 -34.58
CA ASN B 211 4.44 7.18 -35.14
C ASN B 211 3.78 7.55 -36.50
N PHE B 212 2.59 7.01 -36.78
CA PHE B 212 1.97 7.18 -38.08
C PHE B 212 2.79 6.58 -39.23
N ASP B 213 3.73 5.71 -38.90
CA ASP B 213 4.61 5.17 -39.91
C ASP B 213 4.24 3.71 -40.14
N PRO B 214 3.63 3.42 -41.29
CA PRO B 214 3.17 2.04 -41.55
C PRO B 214 4.30 1.01 -41.76
N ASN B 215 5.56 1.45 -41.78
CA ASN B 215 6.73 0.56 -41.84
C ASN B 215 7.52 0.37 -40.54
N SER B 216 7.08 1.00 -39.44
CA SER B 216 7.84 0.95 -38.17
C SER B 216 7.83 -0.40 -37.53
N PHE B 217 8.84 -0.66 -36.71
CA PHE B 217 8.80 -1.84 -35.82
C PHE B 217 9.45 -1.51 -34.48
N THR B 218 8.86 -1.98 -33.39
CA THR B 218 9.51 -1.87 -32.10
C THR B 218 9.07 -3.04 -31.23
N GLU B 219 9.89 -3.35 -30.23
CA GLU B 219 9.60 -4.31 -29.19
C GLU B 219 9.07 -3.59 -27.93
N SER B 220 9.16 -2.27 -27.94
CA SER B 220 8.59 -1.45 -26.88
C SER B 220 7.08 -1.57 -26.88
N ARG B 221 6.51 -1.75 -25.69
CA ARG B 221 5.06 -1.67 -25.50
C ARG B 221 4.88 -0.52 -24.50
N ILE B 222 4.18 0.54 -24.91
CA ILE B 222 3.91 1.67 -24.02
C ILE B 222 2.42 1.77 -23.73
N ASP B 223 1.63 0.92 -24.40
CA ASP B 223 0.22 0.71 -24.01
C ASP B 223 0.05 -0.68 -23.44
N HIS B 224 -0.63 -0.77 -22.31
CA HIS B 224 -0.75 -2.00 -21.57
C HIS B 224 -2.19 -2.20 -21.14
N ILE B 225 -2.60 -3.45 -21.05
CA ILE B 225 -3.82 -3.84 -20.28
C ILE B 225 -3.37 -4.74 -19.15
N PHE B 226 -3.45 -4.20 -17.92
CA PHE B 226 -3.08 -4.90 -16.69
C PHE B 226 -4.40 -5.45 -16.07
N VAL B 227 -4.40 -6.66 -15.52
CA VAL B 227 -5.63 -7.27 -14.94
C VAL B 227 -5.30 -7.87 -13.58
N SER B 228 -6.27 -7.89 -12.63
CA SER B 228 -6.12 -8.65 -11.40
C SER B 228 -5.84 -10.09 -11.75
N PRO B 229 -5.12 -10.79 -10.88
CA PRO B 229 -4.76 -12.18 -11.16
C PRO B 229 -5.98 -13.09 -11.20
N SER B 230 -7.09 -12.69 -10.60
CA SER B 230 -8.30 -13.46 -10.74
C SER B 230 -8.82 -13.54 -12.18
N PHE B 231 -8.44 -12.59 -13.05
CA PHE B 231 -8.82 -12.73 -14.47
C PHE B 231 -7.98 -13.74 -15.25
N HIS B 232 -8.63 -14.62 -16.00
CA HIS B 232 -7.95 -15.46 -16.98
C HIS B 232 -7.86 -14.73 -18.36
N VAL B 233 -6.64 -14.44 -18.81
CA VAL B 233 -6.41 -13.75 -20.10
C VAL B 233 -6.31 -14.80 -21.21
N LYS B 234 -7.33 -14.89 -22.05
CA LYS B 234 -7.35 -15.91 -23.06
C LYS B 234 -6.46 -15.53 -24.24
N ARG B 235 -6.45 -14.26 -24.62
CA ARG B 235 -5.79 -13.83 -25.84
C ARG B 235 -5.37 -12.33 -25.81
N TYR B 236 -4.23 -12.03 -26.43
CA TYR B 236 -3.67 -10.67 -26.48
C TYR B 236 -3.33 -10.48 -27.94
N GLY B 237 -3.79 -9.38 -28.53
CA GLY B 237 -3.39 -8.97 -29.89
C GLY B 237 -3.08 -7.48 -30.06
N VAL B 238 -2.12 -7.17 -30.93
CA VAL B 238 -1.88 -5.83 -31.38
C VAL B 238 -2.44 -5.79 -32.79
N LEU B 239 -3.39 -4.86 -33.05
CA LEU B 239 -4.08 -4.80 -34.33
C LEU B 239 -3.40 -3.86 -35.28
N THR B 240 -2.78 -4.44 -36.33
CA THR B 240 -1.98 -3.68 -37.26
C THR B 240 -2.79 -3.20 -38.48
N ASP B 241 -4.13 -3.28 -38.43
CA ASP B 241 -4.95 -2.80 -39.56
C ASP B 241 -4.49 -1.42 -40.10
N THR B 242 -4.40 -1.30 -41.43
CA THR B 242 -4.13 -0.05 -42.12
C THR B 242 -5.22 0.26 -43.17
N TYR B 243 -5.48 1.56 -43.36
CA TYR B 243 -6.25 2.04 -44.50
C TYR B 243 -5.34 2.65 -45.58
N ARG B 244 -5.93 3.26 -46.61
CA ARG B 244 -5.09 3.70 -47.71
C ARG B 244 -5.60 5.09 -48.07
N SER B 245 -4.68 6.01 -48.40
CA SER B 245 -5.03 7.29 -49.07
C SER B 245 -4.21 7.47 -50.35
N VAL B 246 -4.61 8.43 -51.18
CA VAL B 246 -3.95 8.75 -52.45
C VAL B 246 -2.63 9.47 -52.19
N ARG B 247 -1.54 9.03 -52.84
CA ARG B 247 -0.29 9.83 -52.86
C ARG B 247 -0.55 11.25 -53.37
N GLU B 248 -0.43 12.25 -52.50
CA GLU B 248 -0.50 13.66 -52.92
C GLU B 248 0.91 14.26 -53.06
N ALA B 266 -1.30 5.65 -57.48
CA ALA B 266 -0.52 5.16 -56.35
C ALA B 266 -1.18 5.60 -55.04
N TYR B 267 -1.02 4.77 -54.04
CA TYR B 267 -1.69 5.00 -52.77
C TYR B 267 -0.64 4.77 -51.74
N GLU B 268 -0.96 5.06 -50.49
CA GLU B 268 -0.07 4.70 -49.41
C GLU B 268 -0.83 4.24 -48.17
N ALA B 269 -0.24 3.29 -47.44
CA ALA B 269 -0.78 2.76 -46.19
C ALA B 269 -0.86 3.90 -45.17
N ARG B 270 -1.94 3.93 -44.41
CA ARG B 270 -2.06 4.86 -43.28
C ARG B 270 -2.49 4.05 -42.06
N THR B 271 -1.97 4.43 -40.89
CA THR B 271 -2.43 3.91 -39.62
C THR B 271 -3.53 4.77 -39.06
N PRO B 272 -4.60 4.12 -38.53
CA PRO B 272 -5.75 4.85 -38.00
C PRO B 272 -5.42 5.78 -36.81
N SER B 273 -4.36 5.44 -36.08
CA SER B 273 -3.78 6.31 -35.05
C SER B 273 -2.29 6.08 -35.07
N ASP B 274 -1.54 6.87 -34.28
CA ASP B 274 -0.08 6.71 -34.18
C ASP B 274 0.30 5.64 -33.15
N HIS B 275 -0.71 4.91 -32.64
CA HIS B 275 -0.53 3.73 -31.78
C HIS B 275 -1.38 2.64 -32.48
N PHE B 276 -1.04 1.40 -32.17
CA PHE B 276 -1.92 0.30 -32.56
C PHE B 276 -2.82 0.02 -31.33
N PRO B 277 -4.08 -0.39 -31.53
CA PRO B 277 -4.79 -0.82 -30.32
C PRO B 277 -4.29 -2.16 -29.77
N VAL B 278 -4.44 -2.32 -28.46
CA VAL B 278 -4.10 -3.58 -27.81
C VAL B 278 -5.46 -4.20 -27.48
N LYS B 279 -5.70 -5.41 -27.97
CA LYS B 279 -6.99 -6.05 -27.69
C LYS B 279 -6.77 -7.30 -26.82
N VAL B 280 -7.65 -7.50 -25.82
CA VAL B 280 -7.53 -8.61 -24.90
C VAL B 280 -8.88 -9.30 -24.69
N GLU B 281 -8.90 -10.62 -24.85
CA GLU B 281 -10.07 -11.40 -24.43
C GLU B 281 -9.85 -12.02 -23.07
N LEU B 282 -10.74 -11.72 -22.16
CA LEU B 282 -10.63 -12.35 -20.87
C LEU B 282 -11.91 -12.99 -20.37
N VAL B 283 -11.71 -13.88 -19.40
CA VAL B 283 -12.75 -14.57 -18.67
C VAL B 283 -12.42 -14.39 -17.18
N PHE B 284 -13.45 -14.28 -16.34
CA PHE B 284 -13.28 -14.55 -14.90
C PHE B 284 -13.88 -15.91 -14.48
N SER C 1 6.68 29.49 69.85
CA SER C 1 6.29 30.89 69.51
C SER C 1 6.23 31.08 67.99
N LEU C 2 6.84 30.15 67.26
CA LEU C 2 6.82 30.18 65.81
C LEU C 2 6.53 28.74 65.33
N THR C 3 5.64 28.60 64.35
CA THR C 3 5.30 27.30 63.79
C THR C 3 5.82 27.13 62.37
N VAL C 4 6.71 26.15 62.18
CA VAL C 4 7.22 25.83 60.85
C VAL C 4 6.81 24.42 60.45
N ALA C 5 6.73 24.16 59.14
CA ALA C 5 6.30 22.84 58.67
C ALA C 5 7.05 22.49 57.39
N SER C 6 7.07 21.19 57.06
CA SER C 6 7.55 20.71 55.77
C SER C 6 6.45 19.77 55.28
N TYR C 7 6.06 19.91 54.02
CA TYR C 7 4.92 19.20 53.49
C TYR C 7 5.10 18.93 51.96
N ASN C 8 5.27 17.66 51.61
CA ASN C 8 5.29 17.23 50.20
C ASN C 8 3.84 17.14 49.75
N LEU C 9 3.46 18.04 48.85
CA LEU C 9 2.07 18.17 48.44
C LEU C 9 1.62 17.21 47.33
N ARG C 10 2.57 16.50 46.68
CA ARG C 10 2.34 15.50 45.61
C ARG C 10 1.98 16.17 44.28
N ASN C 11 2.82 15.97 43.26
CA ASN C 11 2.63 16.60 41.96
C ASN C 11 1.27 16.20 41.42
N ALA C 12 0.57 17.14 40.79
CA ALA C 12 -0.78 16.88 40.27
C ALA C 12 -0.63 15.97 39.04
N ASN C 13 -1.27 14.81 39.01
CA ASN C 13 -1.14 13.92 37.85
C ASN C 13 -2.43 13.11 37.66
N GLY C 14 -2.64 12.57 36.45
CA GLY C 14 -3.94 11.98 36.08
C GLY C 14 -4.19 10.66 36.76
N SER C 15 -3.12 10.04 37.21
CA SER C 15 -3.22 8.74 37.83
C SER C 15 -3.86 8.80 39.24
N ASP C 16 -3.37 9.73 40.07
CA ASP C 16 -4.04 10.07 41.34
C ASP C 16 -5.49 10.50 41.15
N SER C 17 -5.76 11.37 40.19
CA SER C 17 -7.15 11.72 39.86
C SER C 17 -8.03 10.51 39.65
N ALA C 18 -7.59 9.58 38.79
CA ALA C 18 -8.44 8.41 38.48
C ALA C 18 -8.60 7.55 39.74
N ARG C 19 -7.65 7.62 40.69
CA ARG C 19 -7.80 6.84 41.92
C ARG C 19 -8.58 7.56 43.05
N GLY C 20 -9.03 8.78 42.81
CA GLY C 20 -9.71 9.51 43.87
C GLY C 20 -8.82 10.35 44.76
N ASP C 21 -7.54 10.49 44.39
CA ASP C 21 -6.60 11.36 45.16
C ASP C 21 -6.14 12.54 44.30
N GLY C 22 -7.05 13.03 43.48
CA GLY C 22 -6.80 14.15 42.58
C GLY C 22 -6.40 15.42 43.29
N TRP C 23 -5.48 16.15 42.68
CA TRP C 23 -5.07 17.46 43.21
C TRP C 23 -6.30 18.40 43.50
N GLY C 24 -7.26 18.47 42.59
CA GLY C 24 -8.41 19.38 42.76
C GLY C 24 -9.25 19.02 44.00
N GLN C 25 -9.30 17.74 44.37
CA GLN C 25 -9.97 17.38 45.58
C GLN C 25 -9.13 17.58 46.86
N ARG C 26 -7.81 17.50 46.73
CA ARG C 26 -6.90 17.46 47.90
C ARG C 26 -6.52 18.84 48.35
N TYR C 27 -6.17 19.71 47.40
CA TYR C 27 -5.60 21.01 47.81
C TYR C 27 -6.49 21.89 48.73
N PRO C 28 -7.83 21.85 48.57
CA PRO C 28 -8.65 22.65 49.55
C PRO C 28 -8.54 22.16 51.00
N VAL C 29 -8.27 20.89 51.18
CA VAL C 29 -8.03 20.30 52.51
C VAL C 29 -6.64 20.64 53.03
N ILE C 30 -5.63 20.50 52.19
CA ILE C 30 -4.27 20.96 52.51
C ILE C 30 -4.28 22.41 52.98
N ALA C 31 -5.00 23.27 52.25
CA ALA C 31 -5.09 24.68 52.60
C ALA C 31 -5.72 24.90 54.00
N GLN C 32 -6.80 24.19 54.25
CA GLN C 32 -7.44 24.20 55.58
C GLN C 32 -6.51 23.75 56.69
N MET C 33 -5.70 22.71 56.44
CA MET C 33 -4.73 22.26 57.43
C MET C 33 -3.62 23.30 57.70
N VAL C 34 -3.16 23.97 56.65
CA VAL C 34 -2.17 25.04 56.81
C VAL C 34 -2.74 26.16 57.66
N GLN C 35 -3.97 26.59 57.37
CA GLN C 35 -4.61 27.64 58.14
C GLN C 35 -4.93 27.15 59.56
N TYR C 36 -5.56 25.99 59.68
CA TYR C 36 -5.92 25.46 61.01
C TYR C 36 -4.73 25.21 61.93
N HIS C 37 -3.68 24.58 61.37
CA HIS C 37 -2.55 24.24 62.24
C HIS C 37 -1.53 25.38 62.35
N ASP C 38 -1.84 26.52 61.73
CA ASP C 38 -1.04 27.74 61.88
C ASP C 38 0.38 27.72 61.36
N PHE C 39 0.63 27.17 60.17
CA PHE C 39 1.98 27.23 59.63
C PHE C 39 2.38 28.68 59.35
N ASP C 40 3.31 29.22 60.15
CA ASP C 40 3.76 30.59 59.89
C ASP C 40 4.61 30.56 58.64
N ILE C 41 5.48 29.55 58.52
CA ILE C 41 6.30 29.36 57.32
C ILE C 41 6.50 27.88 57.08
N PHE C 42 6.37 27.44 55.85
CA PHE C 42 6.53 26.04 55.58
C PHE C 42 7.21 25.76 54.23
N GLY C 43 8.10 24.78 54.22
CA GLY C 43 8.64 24.26 52.97
C GLY C 43 7.68 23.26 52.34
N THR C 44 7.55 23.31 51.01
CA THR C 44 6.76 22.35 50.30
C THR C 44 7.63 21.68 49.26
N GLN C 45 7.19 20.52 48.81
CA GLN C 45 7.82 19.87 47.65
C GLN C 45 6.78 19.37 46.64
N GLU C 46 7.22 19.21 45.40
CA GLU C 46 6.49 18.58 44.29
C GLU C 46 5.48 19.46 43.53
N CYS C 47 5.28 20.72 43.92
CA CYS C 47 4.27 21.55 43.21
C CYS C 47 4.80 22.02 41.87
N PHE C 48 4.10 21.74 40.80
CA PHE C 48 4.23 22.54 39.56
C PHE C 48 3.60 23.90 39.77
N LEU C 49 4.00 24.86 38.91
CA LEU C 49 3.52 26.24 39.01
C LEU C 49 2.00 26.35 39.17
N HIS C 50 1.23 25.54 38.46
CA HIS C 50 -0.25 25.70 38.55
C HIS C 50 -0.78 25.24 39.92
N GLN C 51 -0.05 24.33 40.58
CA GLN C 51 -0.39 23.93 41.93
C GLN C 51 -0.11 25.03 42.93
N LEU C 52 1.02 25.72 42.75
CA LEU C 52 1.39 26.85 43.60
C LEU C 52 0.34 27.93 43.54
N LYS C 53 -0.11 28.28 42.33
CA LYS C 53 -1.14 29.30 42.17
C LYS C 53 -2.42 28.94 42.85
N ASP C 54 -2.88 27.69 42.68
CA ASP C 54 -4.03 27.18 43.44
C ASP C 54 -3.83 27.38 44.93
N MET C 55 -2.66 26.98 45.45
CA MET C 55 -2.43 27.12 46.88
C MET C 55 -2.47 28.60 47.29
N LYS C 56 -1.85 29.47 46.48
CA LYS C 56 -1.74 30.87 46.89
C LYS C 56 -3.13 31.51 46.95
N GLU C 57 -3.98 31.15 45.99
CA GLU C 57 -5.37 31.56 46.01
C GLU C 57 -6.15 31.03 47.22
N ALA C 58 -5.83 29.81 47.68
CA ALA C 58 -6.53 29.16 48.80
C ALA C 58 -5.94 29.64 50.13
N LEU C 59 -4.87 30.39 50.05
CA LEU C 59 -4.19 30.88 51.25
C LEU C 59 -4.00 32.39 51.14
N PRO C 60 -5.10 33.16 51.28
CA PRO C 60 -4.93 34.62 51.28
C PRO C 60 -4.11 34.94 52.51
N GLY C 61 -3.16 35.86 52.41
CA GLY C 61 -2.30 36.03 53.57
C GLY C 61 -0.90 35.42 53.41
N TYR C 62 -0.75 34.44 52.51
CA TYR C 62 0.57 33.81 52.24
C TYR C 62 1.11 34.17 50.85
N ASP C 63 2.43 34.29 50.72
CA ASP C 63 3.06 34.26 49.43
C ASP C 63 4.06 33.11 49.47
N TYR C 64 4.80 32.91 48.39
CA TYR C 64 5.85 31.91 48.39
C TYR C 64 7.07 32.45 47.66
N ILE C 65 8.21 31.82 47.88
CA ILE C 65 9.39 32.00 47.06
C ILE C 65 9.89 30.64 46.55
N GLY C 66 10.72 30.67 45.49
CA GLY C 66 11.36 29.48 44.94
C GLY C 66 11.07 29.37 43.44
N VAL C 67 12.05 28.98 42.64
CA VAL C 67 11.90 28.86 41.20
C VAL C 67 11.70 27.40 40.79
N GLY C 68 11.21 27.18 39.57
CA GLY C 68 11.04 25.82 39.03
C GLY C 68 12.39 25.14 38.82
N ARG C 69 12.46 23.84 39.13
CA ARG C 69 13.78 23.19 39.10
C ARG C 69 14.30 22.84 37.70
N ASP C 70 13.41 22.75 36.70
CA ASP C 70 13.85 22.34 35.35
C ASP C 70 14.57 23.49 34.64
N ASP C 71 14.15 24.74 34.84
CA ASP C 71 14.80 25.83 34.12
C ASP C 71 15.11 27.08 34.95
N GLY C 72 14.87 27.01 36.27
CA GLY C 72 15.08 28.11 37.15
C GLY C 72 14.12 29.25 36.94
N LYS C 73 13.03 28.99 36.21
CA LYS C 73 11.97 30.00 36.00
C LYS C 73 10.63 29.41 36.44
N ASP C 74 9.83 29.00 35.47
CA ASP C 74 8.45 28.54 35.71
C ASP C 74 8.25 27.02 35.54
N LYS C 75 9.21 26.35 34.94
CA LYS C 75 9.02 24.94 34.59
C LYS C 75 9.54 24.01 35.71
N GLY C 76 8.86 22.89 35.91
CA GLY C 76 9.38 21.82 36.82
C GLY C 76 8.71 21.87 38.18
N GLU C 77 9.04 20.91 39.05
CA GLU C 77 8.56 20.97 40.44
C GLU C 77 9.36 22.04 41.19
N HIS C 78 8.78 22.61 42.23
CA HIS C 78 9.42 23.65 43.02
C HIS C 78 9.77 23.09 44.41
N SER C 79 10.75 23.69 45.05
CA SER C 79 10.91 23.57 46.50
C SER C 79 10.43 24.84 47.15
N ALA C 80 9.16 25.15 46.91
CA ALA C 80 8.65 26.46 47.24
C ALA C 80 8.46 26.65 48.74
N ILE C 81 8.93 27.78 49.25
CA ILE C 81 8.67 28.16 50.61
C ILE C 81 7.51 29.15 50.70
N PHE C 82 6.41 28.75 51.38
CA PHE C 82 5.27 29.61 51.70
C PHE C 82 5.46 30.27 53.06
N TYR C 83 4.93 31.48 53.20
CA TYR C 83 5.07 32.24 54.45
C TYR C 83 3.94 33.30 54.55
N ARG C 84 3.59 33.66 55.79
CA ARG C 84 2.60 34.68 56.06
C ARG C 84 3.20 36.05 55.81
N THR C 85 2.64 36.78 54.86
CA THR C 85 3.19 38.10 54.51
C THR C 85 3.03 39.12 55.63
N ASP C 86 2.00 38.97 56.45
CA ASP C 86 1.90 39.87 57.58
C ASP C 86 2.87 39.55 58.72
N LYS C 87 3.56 38.41 58.65
CA LYS C 87 4.54 38.11 59.66
C LYS C 87 5.99 38.34 59.26
N PHE C 88 6.31 38.22 57.97
CA PHE C 88 7.72 38.11 57.58
C PHE C 88 7.98 38.94 56.39
N ASP C 89 9.09 39.66 56.40
CA ASP C 89 9.65 40.20 55.16
C ASP C 89 10.76 39.33 54.62
N ILE C 90 11.00 39.41 53.33
CA ILE C 90 12.14 38.76 52.71
C ILE C 90 13.30 39.77 52.56
N VAL C 91 14.43 39.51 53.19
CA VAL C 91 15.61 40.34 53.04
C VAL C 91 16.41 39.94 51.77
N GLU C 92 16.47 38.64 51.51
CA GLU C 92 17.16 38.13 50.32
C GLU C 92 16.60 36.74 50.11
N LYS C 93 16.73 36.22 48.89
CA LYS C 93 16.28 34.86 48.57
C LYS C 93 17.13 34.34 47.42
N GLY C 94 17.13 33.03 47.25
CA GLY C 94 17.92 32.43 46.18
C GLY C 94 17.57 30.98 46.00
N ASP C 95 18.22 30.35 45.04
CA ASP C 95 18.02 28.94 44.76
C ASP C 95 19.38 28.37 44.31
N PHE C 96 19.65 27.11 44.64
CA PHE C 96 20.73 26.42 43.97
C PHE C 96 20.41 24.97 43.66
N TRP C 97 21.09 24.43 42.66
CA TRP C 97 20.80 23.05 42.19
C TRP C 97 21.71 22.07 42.90
N LEU C 98 21.20 20.86 43.20
CA LEU C 98 21.96 19.88 43.96
C LEU C 98 22.86 19.08 42.99
N SER C 99 23.98 19.70 42.61
CA SER C 99 24.81 19.16 41.51
C SER C 99 26.21 19.74 41.63
N GLU C 100 27.12 19.18 40.82
CA GLU C 100 28.47 19.68 40.67
C GLU C 100 28.45 21.12 40.18
N THR C 101 27.36 21.60 39.58
CA THR C 101 27.30 23.01 39.15
C THR C 101 26.05 23.74 39.72
N PRO C 102 26.10 24.10 41.01
CA PRO C 102 24.90 24.48 41.78
C PRO C 102 24.20 25.73 41.25
N ASP C 103 24.93 26.56 40.50
CA ASP C 103 24.41 27.86 40.12
C ASP C 103 23.61 27.80 38.85
N VAL C 104 23.55 26.64 38.20
CA VAL C 104 22.69 26.53 37.04
C VAL C 104 21.81 25.29 37.05
N PRO C 105 20.67 25.33 36.33
CA PRO C 105 19.81 24.17 36.31
C PRO C 105 20.61 22.99 35.81
N SER C 106 20.66 21.89 36.56
CA SER C 106 21.55 20.78 36.19
C SER C 106 21.20 19.58 37.03
N LYS C 107 21.48 18.37 36.55
CA LYS C 107 21.36 17.13 37.34
C LYS C 107 22.69 16.90 38.07
N GLY C 108 22.65 16.17 39.16
CA GLY C 108 23.86 15.98 39.96
C GLY C 108 24.23 14.53 40.08
N TRP C 109 25.53 14.23 39.94
CA TRP C 109 26.08 12.90 40.23
C TRP C 109 25.25 11.79 39.56
N ASP C 110 24.78 10.79 40.30
CA ASP C 110 23.90 9.74 39.71
C ASP C 110 22.40 10.03 39.80
N ALA C 111 22.01 11.27 40.04
CA ALA C 111 20.58 11.63 40.18
C ALA C 111 19.88 11.44 38.84
N VAL C 112 18.61 11.09 38.89
CA VAL C 112 17.86 11.02 37.65
C VAL C 112 17.23 12.36 37.25
N LEU C 113 16.76 13.12 38.24
CA LEU C 113 16.10 14.39 37.95
C LEU C 113 16.96 15.55 38.53
N PRO C 114 16.80 16.76 37.97
CA PRO C 114 17.37 17.89 38.64
C PRO C 114 16.58 18.16 39.92
N ARG C 115 17.31 18.62 40.94
CA ARG C 115 16.79 18.80 42.28
C ARG C 115 17.26 20.17 42.70
N ILE C 116 16.41 20.91 43.39
CA ILE C 116 16.69 22.30 43.72
C ILE C 116 16.47 22.53 45.22
N CYS C 117 17.32 23.40 45.77
CA CYS C 117 17.13 23.87 47.15
C CYS C 117 16.82 25.38 47.05
N SER C 118 15.66 25.76 47.59
CA SER C 118 15.27 27.15 47.62
C SER C 118 15.44 27.69 49.05
N TRP C 119 15.84 28.97 49.17
CA TRP C 119 16.10 29.57 50.50
C TRP C 119 15.71 31.04 50.57
N GLY C 120 15.51 31.52 51.79
CA GLY C 120 15.08 32.85 52.06
C GLY C 120 15.77 33.32 53.33
N HIS C 121 16.21 34.58 53.33
CA HIS C 121 16.62 35.28 54.52
C HIS C 121 15.38 36.08 54.96
N PHE C 122 14.75 35.67 56.05
CA PHE C 122 13.46 36.25 56.44
C PHE C 122 13.66 37.16 57.62
N LYS C 123 12.73 38.09 57.78
CA LYS C 123 12.74 38.92 58.96
C LYS C 123 11.35 38.97 59.59
N CYS C 124 11.26 38.61 60.86
CA CYS C 124 10.00 38.73 61.62
C CYS C 124 9.67 40.22 61.71
N LYS C 125 8.58 40.65 61.07
CA LYS C 125 8.18 42.04 61.14
C LYS C 125 7.94 42.43 62.62
N ASP C 126 7.35 41.54 63.41
CA ASP C 126 6.91 41.93 64.77
C ASP C 126 8.03 42.01 65.81
N THR C 127 9.17 41.38 65.57
CA THR C 127 10.29 41.44 66.54
C THR C 127 11.63 41.83 65.92
N GLY C 128 11.70 41.88 64.58
CA GLY C 128 12.96 42.08 63.88
C GLY C 128 13.90 40.87 63.88
N PHE C 129 13.47 39.76 64.47
CA PHE C 129 14.25 38.51 64.42
C PHE C 129 14.54 38.04 62.97
N GLU C 130 15.78 37.67 62.68
CA GLU C 130 16.12 37.23 61.32
C GLU C 130 16.67 35.80 61.27
N PHE C 131 16.45 35.11 60.15
CA PHE C 131 16.92 33.74 60.07
C PHE C 131 16.93 33.27 58.61
N LEU C 132 17.63 32.17 58.37
CA LEU C 132 17.65 31.58 57.03
C LEU C 132 16.73 30.40 57.07
N PHE C 133 15.99 30.21 55.98
CA PHE C 133 15.15 29.05 55.83
C PHE C 133 15.51 28.42 54.46
N PHE C 134 15.81 27.13 54.49
CA PHE C 134 16.16 26.33 53.32
C PHE C 134 15.16 25.20 53.19
N ASN C 135 14.88 24.82 51.94
CA ASN C 135 13.92 23.77 51.61
C ASN C 135 14.42 23.09 50.33
N LEU C 136 14.33 21.76 50.29
CA LEU C 136 14.83 21.00 49.13
C LEU C 136 14.06 19.70 49.01
N HIS C 137 14.31 18.99 47.92
CA HIS C 137 13.71 17.68 47.70
C HIS C 137 14.80 16.88 46.97
N MET C 138 15.35 15.86 47.61
CA MET C 138 16.45 15.08 47.04
C MET C 138 16.03 14.11 45.96
N ASP C 139 16.99 13.45 45.32
CA ASP C 139 16.68 12.52 44.24
C ASP C 139 16.15 11.15 44.74
N HIS C 140 15.19 10.60 44.01
CA HIS C 140 14.68 9.27 44.41
C HIS C 140 15.58 8.09 43.98
N ILE C 141 16.51 8.31 43.04
CA ILE C 141 17.34 7.22 42.48
C ILE C 141 18.81 7.36 42.88
N GLY C 142 19.39 8.56 42.76
CA GLY C 142 20.83 8.62 42.84
C GLY C 142 21.28 8.52 44.29
N LYS C 143 21.96 7.44 44.64
CA LYS C 143 22.46 7.26 46.00
C LYS C 143 23.61 8.19 46.32
N LYS C 144 24.53 8.31 45.37
CA LYS C 144 25.66 9.18 45.53
C LYS C 144 25.19 10.64 45.55
N ALA C 145 24.29 10.98 44.64
CA ALA C 145 23.71 12.32 44.63
C ALA C 145 23.17 12.75 45.99
N ARG C 146 22.43 11.85 46.65
CA ARG C 146 21.81 12.24 47.93
C ARG C 146 22.86 12.57 49.00
N VAL C 147 23.88 11.70 49.13
CA VAL C 147 24.99 11.97 50.03
C VAL C 147 25.76 13.25 49.65
N GLU C 148 26.16 13.41 48.39
CA GLU C 148 26.86 14.63 47.98
C GLU C 148 25.98 15.86 48.20
N SER C 149 24.68 15.72 47.95
CA SER C 149 23.76 16.85 48.21
C SER C 149 23.75 17.26 49.69
N ALA C 150 23.74 16.29 50.58
CA ALA C 150 23.81 16.59 52.03
C ALA C 150 25.00 17.49 52.33
N PHE C 151 26.18 17.12 51.83
CA PHE C 151 27.38 17.96 52.07
C PHE C 151 27.29 19.29 51.36
N LEU C 152 26.81 19.27 50.11
CA LEU C 152 26.65 20.54 49.36
C LEU C 152 25.76 21.60 50.07
N VAL C 153 24.59 21.17 50.51
CA VAL C 153 23.61 22.04 51.20
C VAL C 153 24.23 22.66 52.45
N GLN C 154 24.95 21.85 53.19
CA GLN C 154 25.63 22.34 54.37
C GLN C 154 26.75 23.33 54.07
N GLU C 155 27.54 23.11 53.03
CA GLU C 155 28.46 24.17 52.58
C GLU C 155 27.72 25.44 52.20
N LYS C 156 26.72 25.32 51.36
CA LYS C 156 25.91 26.47 50.99
C LYS C 156 25.29 27.21 52.18
N MET C 157 24.72 26.48 53.15
CA MET C 157 24.16 27.07 54.35
C MET C 157 25.23 27.88 55.10
N LYS C 158 26.36 27.21 55.38
CA LYS C 158 27.55 27.89 55.88
C LYS C 158 27.94 29.16 55.05
N GLU C 159 28.12 29.03 53.74
CA GLU C 159 28.52 30.19 52.94
C GLU C 159 27.52 31.32 53.18
N LEU C 160 26.23 31.02 52.99
CA LEU C 160 25.21 32.06 53.01
C LEU C 160 25.01 32.71 54.37
N GLY C 161 25.43 32.03 55.43
CA GLY C 161 25.28 32.56 56.76
C GLY C 161 26.46 33.45 57.14
N ARG C 162 27.54 33.36 56.37
CA ARG C 162 28.82 33.94 56.75
C ARG C 162 28.70 35.39 57.19
N GLY C 163 29.20 35.67 58.39
CA GLY C 163 29.22 37.02 58.93
C GLY C 163 27.86 37.64 59.26
N LYS C 164 26.78 36.86 59.08
CA LYS C 164 25.43 37.45 59.26
C LYS C 164 24.90 36.99 60.60
N ASN C 165 25.55 35.98 61.14
CA ASN C 165 25.17 35.43 62.41
C ASN C 165 23.67 35.09 62.47
N LEU C 166 23.21 34.25 61.54
CA LEU C 166 21.79 33.93 61.46
C LEU C 166 21.57 32.48 61.83
N PRO C 167 20.55 32.21 62.66
CA PRO C 167 20.07 30.85 62.84
C PRO C 167 19.43 30.31 61.53
N ALA C 168 19.57 29.02 61.29
CA ALA C 168 19.02 28.42 60.08
C ALA C 168 18.04 27.29 60.36
N ILE C 169 17.05 27.15 59.47
CA ILE C 169 16.13 26.01 59.44
C ILE C 169 16.28 25.29 58.08
N LEU C 170 16.27 23.96 58.04
CA LEU C 170 16.24 23.26 56.73
C LEU C 170 15.15 22.19 56.74
N THR C 171 14.21 22.29 55.78
CA THR C 171 13.10 21.34 55.65
C THR C 171 13.33 20.66 54.35
N GLY C 172 12.72 19.50 54.18
CA GLY C 172 12.87 18.83 52.89
C GLY C 172 12.39 17.40 52.92
N ASP C 173 12.12 16.91 51.73
CA ASP C 173 11.90 15.50 51.49
C ASP C 173 13.26 14.97 51.05
N PHE C 174 13.87 14.14 51.89
CA PHE C 174 15.14 13.52 51.54
C PHE C 174 15.02 12.22 50.78
N ASN C 175 13.78 11.80 50.50
CA ASN C 175 13.50 10.59 49.72
C ASN C 175 13.76 9.24 50.38
N VAL C 176 14.72 9.16 51.30
CA VAL C 176 14.99 7.93 52.07
C VAL C 176 14.99 8.31 53.52
N ASP C 177 14.93 7.30 54.40
CA ASP C 177 14.66 7.55 55.78
C ASP C 177 15.94 7.76 56.60
N GLN C 178 15.77 7.84 57.92
CA GLN C 178 16.85 8.24 58.80
C GLN C 178 17.93 7.15 58.99
N THR C 179 17.72 5.97 58.44
CA THR C 179 18.72 4.92 58.55
C THR C 179 19.72 4.99 57.39
N HIS C 180 19.51 5.92 56.46
CA HIS C 180 20.36 6.00 55.26
C HIS C 180 21.50 6.97 55.40
N GLN C 181 22.45 6.85 54.47
CA GLN C 181 23.68 7.58 54.55
C GLN C 181 23.52 9.09 54.39
N SER C 182 22.63 9.54 53.49
CA SER C 182 22.42 10.98 53.38
C SER C 182 21.90 11.63 54.68
N TYR C 183 21.06 10.94 55.43
CA TYR C 183 20.67 11.48 56.74
C TYR C 183 21.85 11.55 57.71
N ASP C 184 22.60 10.45 57.77
CA ASP C 184 23.82 10.43 58.58
C ASP C 184 24.80 11.55 58.17
N ALA C 185 24.99 11.79 56.88
CA ALA C 185 25.85 12.89 56.43
C ALA C 185 25.45 14.19 57.08
N PHE C 186 24.15 14.45 57.10
CA PHE C 186 23.63 15.62 57.78
C PHE C 186 23.88 15.76 59.24
N VAL C 187 23.62 14.70 59.98
CA VAL C 187 23.67 14.81 61.42
C VAL C 187 25.10 14.59 61.94
N SER C 188 25.95 13.97 61.10
CA SER C 188 27.34 13.67 61.49
C SER C 188 28.13 14.96 61.61
N LYS C 189 27.89 15.89 60.68
CA LYS C 189 28.44 17.23 60.74
C LYS C 189 28.16 17.92 62.09
N GLY C 190 27.05 17.53 62.73
CA GLY C 190 26.69 18.07 64.03
C GLY C 190 26.64 19.58 64.10
N VAL C 191 26.21 20.22 63.02
CA VAL C 191 25.85 21.63 63.06
C VAL C 191 24.31 21.78 63.24
N LEU C 192 23.54 20.98 62.51
CA LEU C 192 22.07 21.02 62.61
C LEU C 192 21.51 19.85 63.39
N CYS C 193 20.37 20.07 64.04
CA CYS C 193 19.70 19.08 64.89
C CYS C 193 18.39 18.63 64.21
N ASP C 194 18.13 17.33 64.20
CA ASP C 194 16.84 16.79 63.76
C ASP C 194 15.79 17.15 64.80
N SER C 195 14.75 17.90 64.40
CA SER C 195 13.72 18.31 65.37
CA SER C 195 13.71 18.33 65.33
C SER C 195 13.04 17.14 66.03
N TYR C 196 13.01 16.01 65.33
CA TYR C 196 12.44 14.77 65.88
C TYR C 196 13.22 14.33 67.14
N GLU C 197 14.55 14.36 67.08
CA GLU C 197 15.39 13.95 68.23
C GLU C 197 15.42 15.06 69.31
N LYS C 198 15.21 16.32 68.93
CA LYS C 198 15.58 17.44 69.82
C LYS C 198 14.40 18.12 70.51
N CYS C 199 13.19 17.59 70.29
CA CYS C 199 11.98 18.26 70.76
C CYS C 199 11.78 17.97 72.23
N ASP C 200 11.16 18.90 72.94
CA ASP C 200 10.60 18.65 74.27
C ASP C 200 9.41 17.70 74.24
N TYR C 201 8.53 17.89 73.27
CA TYR C 201 7.39 17.03 73.17
C TYR C 201 7.31 16.43 71.77
N ARG C 202 7.15 15.10 71.68
CA ARG C 202 7.09 14.42 70.39
C ARG C 202 5.76 13.73 70.14
N TYR C 203 5.01 14.19 69.14
CA TYR C 203 3.74 13.61 68.80
C TYR C 203 3.89 12.94 67.44
N ALA C 204 4.16 11.63 67.43
CA ALA C 204 4.40 10.92 66.15
C ALA C 204 3.63 9.59 66.06
N LEU C 205 2.40 9.64 65.60
CA LEU C 205 1.64 8.40 65.52
C LEU C 205 1.95 7.63 64.23
N ASN C 206 2.82 8.19 63.41
CA ASN C 206 3.21 7.58 62.15
C ASN C 206 4.51 8.19 61.65
N GLY C 207 5.11 7.58 60.63
CA GLY C 207 6.20 8.25 59.94
C GLY C 207 5.60 9.19 58.92
N THR C 208 6.39 9.61 57.92
CA THR C 208 6.00 10.75 57.12
C THR C 208 5.39 10.40 55.76
N PHE C 209 5.66 9.20 55.23
CA PHE C 209 5.10 8.78 53.95
C PHE C 209 3.91 7.80 54.20
N ASN C 210 2.80 8.03 53.54
CA ASN C 210 1.61 7.16 53.63
C ASN C 210 1.15 6.49 52.33
N ASN C 211 1.68 6.92 51.19
CA ASN C 211 1.31 6.34 49.89
C ASN C 211 -0.19 6.42 49.58
N PHE C 212 -0.84 7.52 50.05
CA PHE C 212 -2.31 7.66 49.96
C PHE C 212 -3.10 6.58 50.67
N ASP C 213 -2.45 5.78 51.49
CA ASP C 213 -3.16 4.71 52.20
C ASP C 213 -3.46 5.16 53.67
N PRO C 214 -4.75 5.36 54.01
CA PRO C 214 -5.06 5.83 55.37
C PRO C 214 -4.84 4.79 56.46
N ASN C 215 -4.34 3.61 56.10
CA ASN C 215 -4.14 2.50 57.05
C ASN C 215 -2.68 2.15 57.26
N SER C 216 -1.78 2.91 56.60
CA SER C 216 -0.39 2.52 56.54
C SER C 216 0.33 2.95 57.82
N PHE C 217 1.39 2.22 58.16
CA PHE C 217 2.25 2.57 59.28
C PHE C 217 3.69 2.39 58.87
N THR C 218 4.53 3.32 59.28
CA THR C 218 5.96 3.10 59.17
C THR C 218 6.71 3.91 60.23
N GLU C 219 7.91 3.47 60.58
CA GLU C 219 8.78 4.28 61.41
C GLU C 219 9.83 5.07 60.59
N SER C 220 9.78 4.89 59.26
CA SER C 220 10.50 5.73 58.34
C SER C 220 10.03 7.19 58.39
N ARG C 221 10.97 8.08 58.63
CA ARG C 221 10.80 9.48 58.38
C ARG C 221 11.66 9.87 57.18
N ILE C 222 11.00 10.34 56.12
CA ILE C 222 11.75 10.78 54.94
C ILE C 222 11.65 12.27 54.75
N ASP C 223 10.80 12.88 55.55
CA ASP C 223 10.70 14.32 55.61
C ASP C 223 11.22 14.83 56.96
N HIS C 224 12.14 15.80 56.94
CA HIS C 224 12.79 16.23 58.17
C HIS C 224 12.74 17.72 58.29
N ILE C 225 12.77 18.20 59.52
CA ILE C 225 13.06 19.59 59.77
C ILE C 225 14.28 19.67 60.68
N PHE C 226 15.39 20.18 60.13
CA PHE C 226 16.64 20.37 60.87
C PHE C 226 16.77 21.81 61.27
N VAL C 227 17.29 22.03 62.48
CA VAL C 227 17.43 23.38 63.03
C VAL C 227 18.81 23.65 63.66
N SER C 228 19.25 24.91 63.55
CA SER C 228 20.42 25.41 64.23
C SER C 228 20.27 25.14 65.72
N PRO C 229 21.37 24.73 66.40
CA PRO C 229 21.36 24.52 67.87
C PRO C 229 20.68 25.65 68.67
N SER C 230 20.80 26.90 68.23
CA SER C 230 20.19 28.03 68.94
C SER C 230 18.67 28.08 68.85
N PHE C 231 18.08 27.23 68.02
CA PHE C 231 16.63 27.14 68.05
C PHE C 231 16.28 26.10 69.09
N HIS C 232 15.37 26.45 69.98
CA HIS C 232 14.77 25.48 70.89
C HIS C 232 13.52 24.88 70.27
N VAL C 233 13.50 23.55 70.13
CA VAL C 233 12.31 22.86 69.63
C VAL C 233 11.38 22.47 70.77
N LYS C 234 10.19 23.06 70.78
CA LYS C 234 9.23 22.80 71.83
C LYS C 234 8.38 21.60 71.51
N ARG C 235 8.10 21.42 70.24
CA ARG C 235 7.15 20.44 69.87
C ARG C 235 7.32 19.95 68.43
N TYR C 236 7.18 18.65 68.22
CA TYR C 236 7.31 18.01 66.91
C TYR C 236 6.03 17.20 66.72
N GLY C 237 5.33 17.39 65.61
CA GLY C 237 4.16 16.59 65.30
C GLY C 237 4.04 16.10 63.86
N VAL C 238 3.51 14.89 63.69
CA VAL C 238 3.17 14.38 62.38
C VAL C 238 1.64 14.41 62.29
N LEU C 239 1.13 15.19 61.34
CA LEU C 239 -0.34 15.45 61.33
C LEU C 239 -1.10 14.43 60.47
N THR C 240 -1.91 13.58 61.12
CA THR C 240 -2.52 12.43 60.44
C THR C 240 -3.93 12.75 59.93
N ASP C 241 -4.37 14.00 60.06
CA ASP C 241 -5.72 14.40 59.60
C ASP C 241 -6.11 13.70 58.30
N THR C 242 -7.37 13.25 58.22
CA THR C 242 -7.93 12.66 57.01
C THR C 242 -9.29 13.30 56.71
N TYR C 243 -9.61 13.37 55.43
CA TYR C 243 -10.94 13.74 55.01
C TYR C 243 -11.71 12.48 54.54
N ARG C 244 -12.93 12.65 54.02
CA ARG C 244 -13.76 11.52 53.58
C ARG C 244 -14.27 11.74 52.16
N SER C 245 -14.34 10.67 51.37
CA SER C 245 -15.02 10.73 50.07
C SER C 245 -15.97 9.52 50.06
N VAL C 246 -16.97 9.58 49.18
CA VAL C 246 -17.90 8.47 49.01
C VAL C 246 -17.23 7.31 48.28
N ARG C 247 -17.44 6.11 48.78
CA ARG C 247 -16.89 4.93 48.12
C ARG C 247 -17.76 4.69 46.88
N GLU C 248 -17.17 4.74 45.68
CA GLU C 248 -17.96 4.73 44.43
C GLU C 248 -18.25 3.31 43.95
N ALA C 266 -21.53 4.45 52.08
CA ALA C 266 -20.25 4.14 52.70
C ALA C 266 -19.23 5.19 52.24
N TYR C 267 -18.24 5.42 53.08
CA TYR C 267 -17.29 6.52 52.89
C TYR C 267 -15.91 5.88 53.00
N GLU C 268 -14.87 6.56 52.53
CA GLU C 268 -13.55 6.11 52.92
C GLU C 268 -12.71 7.29 53.32
N ALA C 269 -11.77 7.03 54.22
CA ALA C 269 -10.71 7.97 54.56
C ALA C 269 -9.75 8.21 53.38
N ARG C 270 -9.33 9.47 53.24
CA ARG C 270 -8.36 9.94 52.24
C ARG C 270 -7.33 10.82 52.97
N THR C 271 -6.07 10.68 52.62
CA THR C 271 -5.06 11.61 53.10
C THR C 271 -4.95 12.79 52.15
N PRO C 272 -4.70 14.01 52.67
CA PRO C 272 -4.62 15.20 51.82
C PRO C 272 -3.44 15.13 50.89
N SER C 273 -2.44 14.33 51.27
CA SER C 273 -1.32 14.08 50.41
C SER C 273 -0.79 12.68 50.70
N ASP C 274 0.16 12.21 49.90
CA ASP C 274 0.76 10.91 50.17
C ASP C 274 1.86 10.96 51.19
N HIS C 275 2.18 12.16 51.67
CA HIS C 275 2.94 12.34 52.93
C HIS C 275 2.09 12.91 54.05
N PHE C 276 2.49 12.76 55.31
CA PHE C 276 1.90 13.60 56.31
C PHE C 276 2.79 14.80 56.51
N PRO C 277 2.20 15.95 56.89
CA PRO C 277 3.01 17.12 57.13
C PRO C 277 3.77 16.92 58.44
N VAL C 278 4.95 17.54 58.55
CA VAL C 278 5.69 17.57 59.79
C VAL C 278 5.64 19.01 60.27
N LYS C 279 5.16 19.21 61.48
CA LYS C 279 5.01 20.56 62.03
C LYS C 279 5.86 20.65 63.28
N VAL C 280 6.64 21.74 63.39
CA VAL C 280 7.58 21.94 64.50
C VAL C 280 7.27 23.33 65.07
N GLU C 281 7.36 23.44 66.38
CA GLU C 281 7.16 24.71 67.06
C GLU C 281 8.45 25.09 67.71
N LEU C 282 8.91 26.30 67.38
CA LEU C 282 10.27 26.73 67.65
C LEU C 282 10.23 27.97 68.52
N VAL C 283 11.19 28.07 69.44
CA VAL C 283 11.50 29.31 70.13
C VAL C 283 13.00 29.58 69.96
N PHE C 284 13.36 30.82 69.68
CA PHE C 284 14.76 31.17 69.59
C PHE C 284 15.45 31.06 70.96
N SER D 1 -22.23 -16.91 -35.95
CA SER D 1 -21.50 -17.40 -34.75
C SER D 1 -20.38 -18.36 -35.14
N LEU D 2 -20.47 -18.91 -36.35
CA LEU D 2 -19.38 -19.72 -36.93
C LEU D 2 -18.48 -18.77 -37.80
N THR D 3 -17.16 -18.88 -37.71
CA THR D 3 -16.28 -18.04 -38.56
C THR D 3 -15.63 -18.78 -39.73
N VAL D 4 -15.92 -18.32 -40.95
CA VAL D 4 -15.33 -18.95 -42.15
C VAL D 4 -14.41 -17.96 -42.86
N ALA D 5 -13.48 -18.46 -43.67
CA ALA D 5 -12.58 -17.59 -44.38
C ALA D 5 -12.12 -18.18 -45.70
N SER D 6 -11.53 -17.32 -46.52
CA SER D 6 -10.96 -17.75 -47.80
C SER D 6 -9.63 -17.02 -47.90
N TYR D 7 -8.54 -17.74 -48.19
CA TYR D 7 -7.22 -17.18 -48.15
C TYR D 7 -6.30 -17.88 -49.17
N ASN D 8 -5.85 -17.14 -50.17
CA ASN D 8 -4.88 -17.60 -51.12
C ASN D 8 -3.52 -17.40 -50.50
N LEU D 9 -2.83 -18.49 -50.17
CA LEU D 9 -1.63 -18.43 -49.36
C LEU D 9 -0.32 -18.21 -50.19
N ARG D 10 -0.46 -18.20 -51.52
CA ARG D 10 0.59 -17.87 -52.48
C ARG D 10 1.56 -19.02 -52.61
N ASN D 11 1.66 -19.62 -53.81
CA ASN D 11 2.60 -20.73 -53.99
C ASN D 11 4.02 -20.43 -53.53
N ALA D 12 4.71 -21.43 -52.95
CA ALA D 12 6.04 -21.25 -52.43
C ALA D 12 6.98 -21.22 -53.63
N ASN D 13 7.75 -20.15 -53.79
CA ASN D 13 8.65 -20.09 -54.95
C ASN D 13 9.87 -19.22 -54.68
N GLY D 14 10.89 -19.39 -55.52
CA GLY D 14 12.19 -18.77 -55.33
C GLY D 14 12.19 -17.30 -55.56
N SER D 15 11.34 -16.83 -56.48
CA SER D 15 11.20 -15.43 -56.74
C SER D 15 10.77 -14.62 -55.52
N ASP D 16 9.65 -14.99 -54.93
CA ASP D 16 9.20 -14.42 -53.66
C ASP D 16 10.32 -14.42 -52.61
N SER D 17 10.93 -15.57 -52.37
CA SER D 17 12.05 -15.70 -51.46
C SER D 17 13.14 -14.69 -51.71
N ALA D 18 13.63 -14.62 -52.96
CA ALA D 18 14.60 -13.59 -53.33
C ALA D 18 14.12 -12.21 -52.97
N ARG D 19 12.81 -11.96 -53.08
CA ARG D 19 12.29 -10.62 -52.86
C ARG D 19 11.90 -10.27 -51.40
N GLY D 20 12.20 -11.16 -50.48
CA GLY D 20 11.85 -10.97 -49.08
C GLY D 20 10.44 -11.38 -48.69
N ASP D 21 9.74 -12.11 -49.56
CA ASP D 21 8.38 -12.57 -49.25
C ASP D 21 8.36 -14.10 -49.32
N GLY D 22 9.43 -14.76 -48.82
CA GLY D 22 9.52 -16.22 -48.89
C GLY D 22 8.50 -16.93 -48.01
N TRP D 23 8.07 -18.10 -48.49
CA TRP D 23 7.16 -18.92 -47.76
C TRP D 23 7.57 -19.23 -46.30
N GLY D 24 8.83 -19.64 -46.10
CA GLY D 24 9.39 -19.86 -44.77
C GLY D 24 9.17 -18.68 -43.81
N GLN D 25 9.17 -17.47 -44.32
CA GLN D 25 8.99 -16.30 -43.47
C GLN D 25 7.52 -15.90 -43.28
N ARG D 26 6.70 -16.19 -44.30
CA ARG D 26 5.29 -15.77 -44.29
C ARG D 26 4.39 -16.72 -43.50
N TYR D 27 4.57 -18.03 -43.69
CA TYR D 27 3.58 -18.97 -43.15
C TYR D 27 3.44 -18.98 -41.61
N PRO D 28 4.49 -18.74 -40.80
CA PRO D 28 4.20 -18.63 -39.35
C PRO D 28 3.28 -17.46 -39.06
N VAL D 29 3.42 -16.39 -39.83
CA VAL D 29 2.47 -15.26 -39.68
C VAL D 29 1.05 -15.66 -40.14
N ILE D 30 0.93 -16.38 -41.25
CA ILE D 30 -0.37 -16.80 -41.73
C ILE D 30 -1.06 -17.65 -40.65
N ALA D 31 -0.29 -18.57 -40.04
CA ALA D 31 -0.85 -19.46 -39.04
C ALA D 31 -1.31 -18.68 -37.81
N GLN D 32 -0.53 -17.69 -37.37
CA GLN D 32 -0.95 -16.84 -36.25
C GLN D 32 -2.24 -16.08 -36.55
N MET D 33 -2.43 -15.64 -37.79
CA MET D 33 -3.72 -15.02 -38.19
C MET D 33 -4.92 -15.97 -38.15
N VAL D 34 -4.75 -17.17 -38.67
CA VAL D 34 -5.81 -18.19 -38.54
C VAL D 34 -6.22 -18.38 -37.08
N GLN D 35 -5.24 -18.57 -36.19
CA GLN D 35 -5.57 -18.76 -34.79
C GLN D 35 -6.11 -17.49 -34.15
N TYR D 36 -5.48 -16.35 -34.39
CA TYR D 36 -5.90 -15.15 -33.70
C TYR D 36 -7.32 -14.76 -34.12
N HIS D 37 -7.61 -14.82 -35.44
CA HIS D 37 -8.92 -14.43 -35.94
C HIS D 37 -9.94 -15.56 -35.91
N ASP D 38 -9.59 -16.71 -35.32
CA ASP D 38 -10.57 -17.80 -35.08
C ASP D 38 -11.24 -18.43 -36.29
N PHE D 39 -10.50 -18.71 -37.36
CA PHE D 39 -11.11 -19.34 -38.50
C PHE D 39 -11.58 -20.75 -38.06
N ASP D 40 -12.88 -21.02 -38.07
CA ASP D 40 -13.36 -22.36 -37.70
C ASP D 40 -13.11 -23.29 -38.87
N ILE D 41 -13.41 -22.78 -40.07
CA ILE D 41 -13.16 -23.54 -41.28
C ILE D 41 -12.85 -22.53 -42.38
N PHE D 42 -11.95 -22.89 -43.29
CA PHE D 42 -11.50 -21.95 -44.34
C PHE D 42 -10.89 -22.61 -45.60
N GLY D 43 -11.21 -22.07 -46.76
CA GLY D 43 -10.61 -22.57 -47.98
C GLY D 43 -9.32 -21.81 -48.23
N THR D 44 -8.32 -22.54 -48.73
CA THR D 44 -7.07 -21.95 -49.09
C THR D 44 -6.86 -22.23 -50.57
N GLN D 45 -5.97 -21.47 -51.19
CA GLN D 45 -5.57 -21.71 -52.58
C GLN D 45 -4.04 -21.66 -52.69
N GLU D 46 -3.49 -22.37 -53.67
CA GLU D 46 -2.09 -22.26 -54.12
C GLU D 46 -1.05 -23.06 -53.32
N CYS D 47 -1.49 -23.85 -52.34
CA CYS D 47 -0.48 -24.62 -51.58
C CYS D 47 -0.07 -25.90 -52.28
N PHE D 48 1.23 -26.07 -52.45
CA PHE D 48 1.74 -27.41 -52.72
C PHE D 48 1.67 -28.21 -51.43
N LEU D 49 1.77 -29.53 -51.53
CA LEU D 49 1.80 -30.40 -50.35
C LEU D 49 2.75 -29.97 -49.22
N HIS D 50 4.01 -29.62 -49.53
CA HIS D 50 4.92 -29.26 -48.45
C HIS D 50 4.41 -28.05 -47.67
N GLN D 51 3.69 -27.16 -48.36
CA GLN D 51 3.14 -25.96 -47.73
C GLN D 51 1.98 -26.32 -46.82
N LEU D 52 1.15 -27.28 -47.25
CA LEU D 52 0.04 -27.77 -46.43
C LEU D 52 0.59 -28.41 -45.16
N LYS D 53 1.71 -29.12 -45.27
CA LYS D 53 2.31 -29.76 -44.09
C LYS D 53 2.87 -28.75 -43.10
N ASP D 54 3.58 -27.73 -43.59
CA ASP D 54 4.00 -26.63 -42.74
C ASP D 54 2.79 -26.01 -42.03
N MET D 55 1.69 -25.77 -42.77
CA MET D 55 0.50 -25.16 -42.16
C MET D 55 -0.07 -26.02 -41.06
N LYS D 56 -0.24 -27.30 -41.36
CA LYS D 56 -0.75 -28.26 -40.38
C LYS D 56 0.09 -28.32 -39.11
N GLU D 57 1.41 -28.36 -39.26
CA GLU D 57 2.30 -28.28 -38.09
C GLU D 57 2.08 -27.00 -37.30
N ALA D 58 1.83 -25.87 -37.97
CA ALA D 58 1.70 -24.62 -37.21
C ALA D 58 0.28 -24.39 -36.67
N LEU D 59 -0.63 -25.29 -37.03
CA LEU D 59 -2.04 -25.21 -36.66
C LEU D 59 -2.45 -26.51 -35.95
N PRO D 60 -1.87 -26.76 -34.77
CA PRO D 60 -2.40 -27.95 -34.07
C PRO D 60 -3.91 -27.77 -33.82
N GLY D 61 -4.68 -28.84 -33.95
CA GLY D 61 -6.12 -28.65 -33.80
C GLY D 61 -6.80 -28.43 -35.14
N TYR D 62 -6.02 -28.30 -36.21
CA TYR D 62 -6.61 -28.26 -37.55
C TYR D 62 -6.25 -29.50 -38.38
N ASP D 63 -7.13 -29.92 -39.26
CA ASP D 63 -6.72 -30.83 -40.33
C ASP D 63 -7.19 -30.23 -41.65
N TYR D 64 -6.91 -30.86 -42.79
CA TYR D 64 -7.47 -30.32 -44.04
C TYR D 64 -7.90 -31.46 -44.91
N ILE D 65 -8.76 -31.15 -45.89
CA ILE D 65 -9.13 -32.08 -46.94
C ILE D 65 -8.84 -31.42 -48.30
N GLY D 66 -8.68 -32.24 -49.35
CA GLY D 66 -8.54 -31.74 -50.75
C GLY D 66 -7.34 -32.46 -51.33
N VAL D 67 -7.35 -32.79 -52.61
CA VAL D 67 -6.21 -33.45 -53.23
C VAL D 67 -5.49 -32.49 -54.19
N GLY D 68 -4.30 -32.89 -54.65
CA GLY D 68 -3.54 -32.03 -55.56
C GLY D 68 -4.19 -31.95 -56.93
N ARG D 69 -4.22 -30.75 -57.52
CA ARG D 69 -4.91 -30.60 -58.78
C ARG D 69 -4.24 -31.29 -59.99
N ASP D 70 -2.96 -31.66 -59.87
CA ASP D 70 -2.26 -32.18 -61.06
C ASP D 70 -2.53 -33.63 -61.35
N ASP D 71 -2.65 -34.43 -60.30
CA ASP D 71 -2.79 -35.84 -60.49
C ASP D 71 -3.91 -36.38 -59.62
N GLY D 72 -4.62 -35.51 -58.91
CA GLY D 72 -5.67 -35.95 -58.00
C GLY D 72 -5.13 -36.68 -56.79
N LYS D 73 -3.82 -36.59 -56.55
CA LYS D 73 -3.25 -37.19 -55.35
C LYS D 73 -2.44 -36.18 -54.55
N ASP D 74 -1.11 -36.24 -54.70
CA ASP D 74 -0.23 -35.32 -53.99
C ASP D 74 0.34 -34.23 -54.82
N LYS D 75 0.21 -34.31 -56.15
CA LYS D 75 0.91 -33.34 -57.03
C LYS D 75 0.14 -32.06 -57.37
N GLY D 76 0.84 -30.93 -57.34
CA GLY D 76 0.25 -29.67 -57.82
C GLY D 76 -0.26 -28.80 -56.66
N GLU D 77 -0.86 -27.68 -56.99
CA GLU D 77 -1.47 -26.80 -56.01
C GLU D 77 -2.76 -27.48 -55.49
N HIS D 78 -3.15 -27.18 -54.25
CA HIS D 78 -4.42 -27.71 -53.73
C HIS D 78 -5.45 -26.58 -53.58
N SER D 79 -6.73 -26.94 -53.58
CA SER D 79 -7.76 -26.10 -53.00
C SER D 79 -8.17 -26.65 -51.63
N ALA D 80 -7.22 -26.73 -50.70
CA ALA D 80 -7.44 -27.46 -49.47
C ALA D 80 -8.33 -26.65 -48.54
N ILE D 81 -9.24 -27.34 -47.85
CA ILE D 81 -10.12 -26.69 -46.83
C ILE D 81 -9.62 -27.14 -45.47
N PHE D 82 -9.17 -26.20 -44.65
CA PHE D 82 -8.75 -26.53 -43.32
C PHE D 82 -9.94 -26.40 -42.36
N TYR D 83 -9.91 -27.13 -41.25
CA TYR D 83 -11.04 -27.06 -40.31
C TYR D 83 -10.55 -27.53 -38.95
N ARG D 84 -11.13 -26.94 -37.90
CA ARG D 84 -10.91 -27.40 -36.52
C ARG D 84 -11.50 -28.82 -36.27
N THR D 85 -10.63 -29.76 -35.93
CA THR D 85 -11.02 -31.14 -35.73
C THR D 85 -11.88 -31.29 -34.47
N ASP D 86 -11.76 -30.41 -33.48
CA ASP D 86 -12.62 -30.60 -32.32
C ASP D 86 -14.01 -30.02 -32.56
N LYS D 87 -14.23 -29.41 -33.71
CA LYS D 87 -15.50 -28.73 -33.93
C LYS D 87 -16.33 -29.38 -35.01
N PHE D 88 -15.67 -30.07 -35.95
CA PHE D 88 -16.40 -30.62 -37.08
C PHE D 88 -15.98 -32.03 -37.40
N ASP D 89 -16.95 -32.88 -37.74
CA ASP D 89 -16.70 -34.15 -38.41
C ASP D 89 -16.94 -33.99 -39.88
N ILE D 90 -16.25 -34.80 -40.66
CA ILE D 90 -16.51 -34.90 -42.11
C ILE D 90 -17.42 -36.09 -42.35
N VAL D 91 -18.60 -35.87 -42.95
CA VAL D 91 -19.55 -36.96 -43.29
C VAL D 91 -19.21 -37.54 -44.68
N GLU D 92 -18.71 -36.68 -45.56
CA GLU D 92 -18.26 -37.09 -46.88
C GLU D 92 -17.37 -35.97 -47.40
N LYS D 93 -16.57 -36.27 -48.42
CA LYS D 93 -15.78 -35.23 -49.04
C LYS D 93 -15.48 -35.70 -50.45
N GLY D 94 -15.08 -34.76 -51.32
CA GLY D 94 -14.67 -35.09 -52.68
C GLY D 94 -13.99 -33.90 -53.36
N ASP D 95 -13.70 -34.08 -54.65
CA ASP D 95 -13.05 -33.10 -55.50
C ASP D 95 -13.55 -33.29 -56.92
N PHE D 96 -13.65 -32.21 -57.67
CA PHE D 96 -13.86 -32.34 -59.11
C PHE D 96 -13.00 -31.32 -59.78
N TRP D 97 -12.66 -31.55 -61.06
CA TRP D 97 -11.92 -30.59 -61.87
C TRP D 97 -12.86 -29.68 -62.67
N LEU D 98 -12.40 -28.46 -62.91
CA LEU D 98 -13.17 -27.43 -63.58
C LEU D 98 -12.91 -27.58 -65.08
N SER D 99 -13.57 -28.57 -65.65
CA SER D 99 -13.36 -28.98 -67.04
C SER D 99 -14.60 -29.74 -67.60
N GLU D 100 -14.55 -30.05 -68.89
CA GLU D 100 -15.52 -30.89 -69.56
C GLU D 100 -15.51 -32.29 -68.99
N THR D 101 -14.46 -32.66 -68.26
CA THR D 101 -14.43 -33.97 -67.62
C THR D 101 -14.04 -33.88 -66.16
N PRO D 102 -15.03 -33.54 -65.30
CA PRO D 102 -14.76 -33.15 -63.93
C PRO D 102 -14.30 -34.28 -63.01
N ASP D 103 -14.48 -35.53 -63.39
CA ASP D 103 -14.12 -36.64 -62.52
C ASP D 103 -12.65 -37.01 -62.58
N VAL D 104 -11.92 -36.43 -63.53
CA VAL D 104 -10.49 -36.75 -63.67
C VAL D 104 -9.58 -35.51 -63.73
N PRO D 105 -8.34 -35.62 -63.25
CA PRO D 105 -7.39 -34.55 -63.49
C PRO D 105 -7.45 -34.12 -64.96
N SER D 106 -7.79 -32.86 -65.21
CA SER D 106 -7.90 -32.40 -66.57
C SER D 106 -7.96 -30.89 -66.57
N LYS D 107 -7.58 -30.29 -67.69
CA LYS D 107 -7.78 -28.87 -67.78
C LYS D 107 -9.00 -28.60 -68.65
N GLY D 108 -9.66 -27.46 -68.45
CA GLY D 108 -10.93 -27.24 -69.13
C GLY D 108 -10.95 -26.11 -70.13
N TRP D 109 -11.71 -26.29 -71.20
CA TRP D 109 -11.98 -25.23 -72.16
C TRP D 109 -10.70 -24.54 -72.57
N ASP D 110 -10.65 -23.21 -72.47
CA ASP D 110 -9.44 -22.44 -72.80
C ASP D 110 -8.43 -22.18 -71.65
N ALA D 111 -8.58 -22.89 -70.53
CA ALA D 111 -7.71 -22.67 -69.37
C ALA D 111 -6.28 -23.18 -69.66
N VAL D 112 -5.27 -22.54 -69.08
CA VAL D 112 -3.90 -23.03 -69.25
C VAL D 112 -3.46 -24.02 -68.15
N LEU D 113 -3.98 -23.90 -66.94
CA LEU D 113 -3.63 -24.91 -65.90
C LEU D 113 -4.87 -25.71 -65.46
N PRO D 114 -4.68 -26.96 -65.01
CA PRO D 114 -5.79 -27.68 -64.38
C PRO D 114 -6.22 -27.00 -63.10
N ARG D 115 -7.52 -26.98 -62.85
CA ARG D 115 -8.10 -26.26 -61.70
C ARG D 115 -9.05 -27.20 -60.99
N ILE D 116 -9.05 -27.19 -59.65
CA ILE D 116 -9.82 -28.18 -58.92
C ILE D 116 -10.77 -27.48 -57.93
N CYS D 117 -11.94 -28.10 -57.71
CA CYS D 117 -12.84 -27.65 -56.62
C CYS D 117 -12.91 -28.76 -55.62
N SER D 118 -12.51 -28.47 -54.39
CA SER D 118 -12.57 -29.44 -53.33
C SER D 118 -13.74 -29.07 -52.40
N TRP D 119 -14.49 -30.08 -51.96
CA TRP D 119 -15.62 -29.85 -51.07
C TRP D 119 -15.69 -30.87 -49.90
N GLY D 120 -16.40 -30.47 -48.86
CA GLY D 120 -16.76 -31.41 -47.79
C GLY D 120 -18.17 -31.17 -47.31
N HIS D 121 -18.87 -32.27 -46.99
CA HIS D 121 -20.07 -32.29 -46.14
C HIS D 121 -19.63 -32.34 -44.66
N PHE D 122 -19.88 -31.25 -43.92
CA PHE D 122 -19.40 -31.15 -42.54
C PHE D 122 -20.54 -31.31 -41.52
N LYS D 123 -20.23 -31.82 -40.33
CA LYS D 123 -21.18 -31.77 -39.22
C LYS D 123 -20.60 -31.09 -38.01
N CYS D 124 -21.26 -30.05 -37.52
CA CYS D 124 -20.87 -29.38 -36.27
C CYS D 124 -21.09 -30.34 -35.12
N LYS D 125 -20.03 -30.61 -34.34
CA LYS D 125 -20.11 -31.61 -33.26
C LYS D 125 -20.86 -31.16 -32.00
N ASP D 126 -20.89 -29.87 -31.69
CA ASP D 126 -21.73 -29.38 -30.60
C ASP D 126 -23.22 -29.43 -31.02
N THR D 127 -23.56 -28.89 -32.17
CA THR D 127 -24.98 -28.70 -32.51
C THR D 127 -25.59 -29.71 -33.48
N GLY D 128 -24.77 -30.59 -34.06
CA GLY D 128 -25.24 -31.50 -35.12
C GLY D 128 -25.60 -30.79 -36.44
N PHE D 129 -25.35 -29.50 -36.50
CA PHE D 129 -25.57 -28.73 -37.72
C PHE D 129 -24.69 -29.20 -38.90
N GLU D 130 -25.34 -29.51 -40.03
CA GLU D 130 -24.64 -30.06 -41.20
C GLU D 130 -24.71 -29.06 -42.36
N PHE D 131 -23.67 -29.06 -43.19
CA PHE D 131 -23.55 -28.10 -44.31
C PHE D 131 -22.50 -28.52 -45.35
N LEU D 132 -22.61 -28.03 -46.59
CA LEU D 132 -21.58 -28.29 -47.60
C LEU D 132 -20.62 -27.11 -47.64
N PHE D 133 -19.31 -27.35 -47.75
CA PHE D 133 -18.31 -26.26 -47.92
C PHE D 133 -17.48 -26.55 -49.19
N PHE D 134 -17.61 -25.68 -50.20
CA PHE D 134 -16.86 -25.78 -51.46
C PHE D 134 -15.74 -24.77 -51.53
N ASN D 135 -14.64 -25.16 -52.15
CA ASN D 135 -13.48 -24.26 -52.26
C ASN D 135 -12.81 -24.41 -53.62
N LEU D 136 -12.46 -23.31 -54.28
CA LEU D 136 -11.83 -23.45 -55.60
C LEU D 136 -10.83 -22.37 -55.94
N HIS D 137 -10.16 -22.60 -57.07
CA HIS D 137 -9.27 -21.61 -57.65
C HIS D 137 -9.39 -21.69 -59.17
N MET D 138 -10.03 -20.68 -59.76
CA MET D 138 -10.23 -20.52 -61.20
C MET D 138 -8.94 -20.20 -61.99
N ASP D 139 -9.00 -20.37 -63.31
CA ASP D 139 -7.79 -20.16 -64.14
C ASP D 139 -7.43 -18.68 -64.32
N HIS D 140 -6.13 -18.41 -64.40
CA HIS D 140 -5.68 -17.03 -64.65
C HIS D 140 -5.73 -16.55 -66.12
N ILE D 141 -5.91 -17.45 -67.07
CA ILE D 141 -5.83 -17.08 -68.48
C ILE D 141 -7.10 -17.35 -69.25
N GLY D 142 -7.74 -18.49 -69.01
CA GLY D 142 -8.91 -18.86 -69.80
C GLY D 142 -10.22 -18.14 -69.48
N LYS D 143 -10.54 -17.12 -70.30
CA LYS D 143 -11.79 -16.35 -70.21
C LYS D 143 -13.01 -17.24 -70.30
N LYS D 144 -13.03 -18.14 -71.27
CA LYS D 144 -14.15 -19.06 -71.44
C LYS D 144 -14.26 -20.08 -70.29
N ALA D 145 -13.12 -20.63 -69.88
CA ALA D 145 -13.04 -21.54 -68.72
C ALA D 145 -13.67 -21.00 -67.42
N ARG D 146 -13.41 -19.74 -67.09
CA ARG D 146 -14.01 -19.13 -65.89
C ARG D 146 -15.53 -19.11 -65.91
N VAL D 147 -16.12 -18.76 -67.05
CA VAL D 147 -17.60 -18.72 -67.15
C VAL D 147 -18.20 -20.14 -67.10
N GLU D 148 -17.63 -21.04 -67.88
CA GLU D 148 -18.00 -22.45 -67.82
C GLU D 148 -17.85 -23.07 -66.42
N SER D 149 -16.81 -22.64 -65.69
CA SER D 149 -16.52 -23.28 -64.39
C SER D 149 -17.61 -22.89 -63.40
N ALA D 150 -18.06 -21.64 -63.49
CA ALA D 150 -19.14 -21.13 -62.65
C ALA D 150 -20.39 -22.02 -62.83
N PHE D 151 -20.75 -22.31 -64.07
CA PHE D 151 -21.94 -23.13 -64.28
C PHE D 151 -21.74 -24.56 -63.85
N LEU D 152 -20.53 -25.09 -64.02
CA LEU D 152 -20.24 -26.43 -63.56
C LEU D 152 -20.38 -26.45 -62.05
N VAL D 153 -19.84 -25.44 -61.37
CA VAL D 153 -19.78 -25.49 -59.91
C VAL D 153 -21.19 -25.46 -59.33
N GLN D 154 -22.05 -24.62 -59.90
CA GLN D 154 -23.48 -24.58 -59.58
C GLN D 154 -24.21 -25.91 -59.80
N GLU D 155 -23.93 -26.58 -60.91
CA GLU D 155 -24.48 -27.91 -61.20
C GLU D 155 -24.02 -28.97 -60.20
N LYS D 156 -22.71 -29.02 -59.90
CA LYS D 156 -22.23 -29.94 -58.85
C LYS D 156 -22.78 -29.62 -57.44
N MET D 157 -22.89 -28.35 -57.08
CA MET D 157 -23.43 -28.01 -55.76
C MET D 157 -24.84 -28.55 -55.62
N LYS D 158 -25.65 -28.40 -56.67
CA LYS D 158 -27.04 -28.89 -56.68
C LYS D 158 -27.11 -30.43 -56.55
N GLU D 159 -26.41 -31.11 -57.43
CA GLU D 159 -26.30 -32.55 -57.42
C GLU D 159 -25.81 -33.10 -56.06
N LEU D 160 -24.77 -32.49 -55.48
CA LEU D 160 -24.24 -32.93 -54.18
C LEU D 160 -25.16 -32.60 -53.00
N GLY D 161 -26.09 -31.68 -53.19
CA GLY D 161 -27.02 -31.31 -52.15
C GLY D 161 -28.40 -31.98 -52.25
N ARG D 162 -28.71 -32.52 -53.42
CA ARG D 162 -29.93 -33.27 -53.73
C ARG D 162 -30.50 -34.13 -52.57
N GLY D 163 -31.68 -33.78 -52.08
CA GLY D 163 -32.32 -34.63 -51.07
C GLY D 163 -31.81 -34.40 -49.68
N LYS D 164 -30.86 -33.48 -49.49
CA LYS D 164 -30.13 -33.51 -48.24
C LYS D 164 -30.51 -32.35 -47.35
N ASN D 165 -31.10 -31.34 -47.98
CA ASN D 165 -31.48 -30.12 -47.27
C ASN D 165 -30.31 -29.46 -46.53
N LEU D 166 -29.18 -29.30 -47.22
CA LEU D 166 -28.02 -28.72 -46.59
C LEU D 166 -27.78 -27.33 -47.16
N PRO D 167 -27.57 -26.36 -46.28
CA PRO D 167 -26.99 -25.07 -46.72
C PRO D 167 -25.55 -25.25 -47.25
N ALA D 168 -25.10 -24.34 -48.11
CA ALA D 168 -23.78 -24.40 -48.73
C ALA D 168 -22.95 -23.12 -48.58
N ILE D 169 -21.63 -23.28 -48.45
CA ILE D 169 -20.68 -22.19 -48.57
C ILE D 169 -19.73 -22.49 -49.74
N LEU D 170 -19.49 -21.48 -50.56
CA LEU D 170 -18.48 -21.58 -51.64
C LEU D 170 -17.44 -20.46 -51.48
N THR D 171 -16.17 -20.85 -51.26
CA THR D 171 -15.06 -19.87 -51.12
C THR D 171 -14.14 -20.02 -52.34
N GLY D 172 -13.28 -19.05 -52.60
CA GLY D 172 -12.38 -19.30 -53.71
C GLY D 172 -11.66 -18.07 -54.18
N ASP D 173 -10.53 -18.31 -54.84
CA ASP D 173 -9.89 -17.30 -55.64
C ASP D 173 -10.45 -17.39 -57.03
N PHE D 174 -11.29 -16.43 -57.40
CA PHE D 174 -11.97 -16.49 -58.68
C PHE D 174 -11.17 -15.83 -59.78
N ASN D 175 -9.99 -15.27 -59.44
CA ASN D 175 -9.07 -14.70 -60.40
C ASN D 175 -9.45 -13.39 -61.09
N VAL D 176 -10.73 -13.23 -61.45
CA VAL D 176 -11.28 -11.92 -61.83
C VAL D 176 -12.28 -11.35 -60.80
N ASP D 177 -12.56 -10.06 -60.91
CA ASP D 177 -13.38 -9.37 -59.90
C ASP D 177 -14.89 -9.39 -60.12
N GLN D 178 -15.60 -8.61 -59.30
CA GLN D 178 -17.04 -8.63 -59.17
C GLN D 178 -17.79 -7.93 -60.31
N THR D 179 -17.09 -7.42 -61.30
CA THR D 179 -17.77 -6.79 -62.44
C THR D 179 -17.69 -7.78 -63.61
N HIS D 180 -17.19 -9.00 -63.35
CA HIS D 180 -17.08 -10.02 -64.41
C HIS D 180 -18.26 -11.00 -64.53
N GLN D 181 -18.34 -11.65 -65.69
CA GLN D 181 -19.44 -12.59 -66.01
C GLN D 181 -19.48 -13.77 -65.04
N SER D 182 -18.30 -14.41 -64.83
CA SER D 182 -18.20 -15.54 -63.90
C SER D 182 -18.72 -15.19 -62.49
N TYR D 183 -18.55 -13.95 -62.04
CA TYR D 183 -19.14 -13.57 -60.74
C TYR D 183 -20.65 -13.50 -60.86
N ASP D 184 -21.11 -12.85 -61.93
CA ASP D 184 -22.55 -12.76 -62.22
C ASP D 184 -23.25 -14.14 -62.24
N ALA D 185 -22.62 -15.09 -62.92
CA ALA D 185 -23.13 -16.46 -62.97
C ALA D 185 -23.60 -16.97 -61.62
N PHE D 186 -22.95 -16.55 -60.53
CA PHE D 186 -23.21 -17.21 -59.23
C PHE D 186 -24.35 -16.56 -58.52
N VAL D 187 -24.54 -15.27 -58.78
CA VAL D 187 -25.47 -14.46 -57.98
C VAL D 187 -26.72 -14.04 -58.73
N SER D 188 -26.60 -13.77 -60.03
CA SER D 188 -27.68 -13.14 -60.83
C SER D 188 -29.06 -13.79 -60.60
N LYS D 189 -29.08 -15.09 -60.33
CA LYS D 189 -30.33 -15.78 -60.10
C LYS D 189 -30.57 -16.18 -58.65
N GLY D 190 -29.84 -15.56 -57.71
CA GLY D 190 -30.16 -15.75 -56.28
C GLY D 190 -29.88 -17.11 -55.65
N VAL D 191 -29.31 -18.05 -56.42
CA VAL D 191 -28.90 -19.34 -55.86
C VAL D 191 -27.88 -19.19 -54.72
N LEU D 192 -26.95 -18.24 -54.87
CA LEU D 192 -26.00 -17.95 -53.81
C LEU D 192 -25.95 -16.46 -53.59
N CYS D 193 -25.48 -16.06 -52.41
CA CYS D 193 -25.37 -14.66 -52.03
C CYS D 193 -23.90 -14.31 -51.75
N ASP D 194 -23.47 -13.16 -52.27
CA ASP D 194 -22.11 -12.64 -51.99
C ASP D 194 -22.10 -12.07 -50.58
N SER D 195 -21.22 -12.58 -49.69
CA SER D 195 -21.16 -12.13 -48.29
CA SER D 195 -21.22 -12.13 -48.30
C SER D 195 -20.88 -10.64 -48.20
N TYR D 196 -20.18 -10.13 -49.20
CA TYR D 196 -19.80 -8.69 -49.18
C TYR D 196 -21.09 -7.85 -49.30
N GLU D 197 -22.06 -8.35 -50.08
CA GLU D 197 -23.30 -7.61 -50.29
C GLU D 197 -24.32 -7.94 -49.21
N LYS D 198 -24.24 -9.12 -48.61
CA LYS D 198 -25.30 -9.57 -47.69
C LYS D 198 -25.03 -9.42 -46.21
N CYS D 199 -23.88 -8.89 -45.84
CA CYS D 199 -23.49 -8.83 -44.44
C CYS D 199 -24.29 -7.76 -43.68
N ASP D 200 -24.53 -7.97 -42.39
CA ASP D 200 -25.14 -6.88 -41.61
C ASP D 200 -24.13 -5.78 -41.41
N TYR D 201 -22.86 -6.17 -41.21
CA TYR D 201 -21.76 -5.26 -41.01
C TYR D 201 -20.64 -5.55 -42.04
N ARG D 202 -20.02 -4.49 -42.61
CA ARG D 202 -18.97 -4.67 -43.63
C ARG D 202 -17.70 -3.93 -43.26
N TYR D 203 -16.59 -4.63 -43.19
CA TYR D 203 -15.31 -4.02 -42.87
C TYR D 203 -14.35 -4.30 -44.04
N ALA D 204 -14.23 -3.34 -44.94
CA ALA D 204 -13.44 -3.56 -46.15
C ALA D 204 -12.56 -2.32 -46.44
N LEU D 205 -11.37 -2.28 -45.86
CA LEU D 205 -10.50 -1.14 -46.10
C LEU D 205 -9.65 -1.32 -47.36
N ASN D 206 -9.85 -2.45 -48.04
CA ASN D 206 -9.13 -2.75 -49.30
C ASN D 206 -9.91 -3.82 -50.04
N GLY D 207 -9.52 -4.10 -51.27
CA GLY D 207 -10.02 -5.28 -52.01
C GLY D 207 -9.08 -6.42 -51.64
N THR D 208 -9.10 -7.53 -52.36
CA THR D 208 -8.50 -8.74 -51.80
C THR D 208 -7.10 -9.08 -52.30
N PHE D 209 -6.69 -8.49 -53.43
CA PHE D 209 -5.32 -8.73 -53.98
C PHE D 209 -4.45 -7.53 -53.64
N ASN D 210 -3.22 -7.77 -53.18
CA ASN D 210 -2.30 -6.67 -52.83
C ASN D 210 -0.95 -6.78 -53.54
N ASN D 211 -0.70 -7.90 -54.18
CA ASN D 211 0.53 -8.06 -54.97
C ASN D 211 1.78 -7.89 -54.14
N PHE D 212 1.67 -8.26 -52.86
CA PHE D 212 2.75 -8.12 -51.89
C PHE D 212 3.15 -6.69 -51.62
N ASP D 213 2.33 -5.76 -52.06
CA ASP D 213 2.64 -4.34 -51.87
C ASP D 213 1.79 -3.79 -50.69
N PRO D 214 2.42 -3.48 -49.54
CA PRO D 214 1.63 -2.97 -48.41
C PRO D 214 1.02 -1.57 -48.58
N ASN D 215 1.19 -0.96 -49.75
CA ASN D 215 0.63 0.37 -50.03
C ASN D 215 -0.44 0.34 -51.12
N SER D 216 -0.76 -0.86 -51.60
CA SER D 216 -1.74 -1.01 -52.69
C SER D 216 -3.20 -0.80 -52.29
N PHE D 217 -3.97 -0.27 -53.22
CA PHE D 217 -5.37 -0.15 -53.02
C PHE D 217 -6.06 -0.62 -54.29
N THR D 218 -7.21 -1.25 -54.13
CA THR D 218 -8.12 -1.54 -55.23
C THR D 218 -9.50 -1.77 -54.66
N GLU D 219 -10.50 -1.49 -55.48
CA GLU D 219 -11.87 -1.93 -55.16
C GLU D 219 -12.28 -3.28 -55.72
N SER D 220 -11.42 -3.88 -56.53
CA SER D 220 -11.61 -5.27 -57.02
C SER D 220 -11.59 -6.28 -55.88
N ARG D 221 -12.58 -7.17 -55.84
CA ARG D 221 -12.52 -8.32 -55.00
C ARG D 221 -12.46 -9.52 -55.93
N ILE D 222 -11.39 -10.29 -55.84
CA ILE D 222 -11.29 -11.48 -56.67
C ILE D 222 -11.40 -12.71 -55.82
N ASP D 223 -11.45 -12.53 -54.49
CA ASP D 223 -11.66 -13.64 -53.55
C ASP D 223 -13.01 -13.44 -52.94
N HIS D 224 -13.87 -14.46 -52.98
CA HIS D 224 -15.24 -14.30 -52.53
C HIS D 224 -15.66 -15.41 -51.60
N ILE D 225 -16.59 -15.08 -50.70
CA ILE D 225 -17.33 -16.10 -49.95
C ILE D 225 -18.82 -16.00 -50.29
N PHE D 226 -19.32 -16.95 -51.08
CA PHE D 226 -20.74 -17.07 -51.43
C PHE D 226 -21.48 -18.04 -50.49
N VAL D 227 -22.70 -17.68 -50.12
CA VAL D 227 -23.49 -18.51 -49.19
C VAL D 227 -24.93 -18.73 -49.69
N SER D 228 -25.54 -19.82 -49.25
CA SER D 228 -26.95 -20.15 -49.54
C SER D 228 -27.84 -19.11 -48.89
N PRO D 229 -29.01 -18.82 -49.48
CA PRO D 229 -29.88 -17.78 -48.88
C PRO D 229 -30.24 -18.04 -47.41
N SER D 230 -30.29 -19.30 -47.00
CA SER D 230 -30.56 -19.69 -45.59
C SER D 230 -29.53 -19.26 -44.54
N PHE D 231 -28.34 -18.87 -45.00
CA PHE D 231 -27.30 -18.38 -44.10
C PHE D 231 -27.47 -16.89 -43.84
N HIS D 232 -27.46 -16.50 -42.59
CA HIS D 232 -27.43 -15.11 -42.27
C HIS D 232 -25.99 -14.68 -42.04
N VAL D 233 -25.53 -13.73 -42.83
CA VAL D 233 -24.16 -13.19 -42.72
C VAL D 233 -24.16 -11.99 -41.80
N LYS D 234 -23.51 -12.16 -40.67
CA LYS D 234 -23.43 -11.10 -39.68
C LYS D 234 -22.33 -10.08 -40.03
N ARG D 235 -21.24 -10.54 -40.60
CA ARG D 235 -20.07 -9.71 -40.64
C ARG D 235 -19.10 -10.19 -41.69
N TYR D 236 -18.57 -9.24 -42.48
CA TYR D 236 -17.57 -9.46 -43.50
C TYR D 236 -16.38 -8.53 -43.20
N GLY D 237 -15.16 -9.06 -43.33
CA GLY D 237 -13.93 -8.34 -43.07
C GLY D 237 -12.84 -8.79 -44.05
N VAL D 238 -12.05 -7.84 -44.47
CA VAL D 238 -10.81 -8.06 -45.18
C VAL D 238 -9.69 -7.72 -44.22
N LEU D 239 -8.87 -8.71 -43.89
CA LEU D 239 -7.89 -8.50 -42.83
C LEU D 239 -6.58 -8.03 -43.44
N THR D 240 -6.18 -6.80 -43.08
CA THR D 240 -5.06 -6.13 -43.72
C THR D 240 -3.79 -6.23 -42.83
N ASP D 241 -3.83 -7.08 -41.81
CA ASP D 241 -2.66 -7.31 -40.93
C ASP D 241 -1.35 -7.36 -41.73
N THR D 242 -0.31 -6.74 -41.23
CA THR D 242 1.06 -6.86 -41.80
C THR D 242 2.10 -7.13 -40.73
N TYR D 243 3.14 -7.85 -41.13
CA TYR D 243 4.31 -8.06 -40.28
C TYR D 243 5.45 -7.18 -40.76
N ARG D 244 6.58 -7.19 -40.09
CA ARG D 244 7.70 -6.31 -40.44
C ARG D 244 8.94 -7.12 -40.76
N SER D 245 9.74 -6.66 -41.70
CA SER D 245 11.00 -7.32 -41.93
C SER D 245 12.12 -6.29 -41.96
N VAL D 246 13.35 -6.73 -41.71
CA VAL D 246 14.47 -5.83 -41.66
C VAL D 246 14.81 -5.43 -43.11
N ARG D 247 14.99 -4.15 -43.34
CA ARG D 247 15.37 -3.63 -44.65
C ARG D 247 16.90 -3.77 -44.73
N GLU D 248 17.47 -3.84 -45.92
CA GLU D 248 18.94 -3.99 -46.02
C GLU D 248 19.60 -3.02 -47.01
N ALA D 266 16.01 0.05 -39.76
CA ALA D 266 14.81 0.36 -40.57
C ALA D 266 14.16 -0.91 -41.06
N TYR D 267 12.84 -0.87 -41.10
CA TYR D 267 12.06 -2.06 -41.34
C TYR D 267 11.10 -1.69 -42.46
N GLU D 268 10.46 -2.69 -43.05
CA GLU D 268 9.41 -2.38 -43.99
C GLU D 268 8.28 -3.37 -43.72
N ALA D 269 7.07 -2.91 -43.98
CA ALA D 269 5.85 -3.72 -43.88
C ALA D 269 5.87 -4.82 -44.93
N ARG D 270 5.29 -5.96 -44.60
CA ARG D 270 5.19 -7.11 -45.48
C ARG D 270 3.79 -7.67 -45.32
N THR D 271 3.20 -8.11 -46.41
CA THR D 271 1.93 -8.84 -46.31
C THR D 271 2.18 -10.37 -46.19
N PRO D 272 1.41 -11.01 -45.30
CA PRO D 272 1.58 -12.46 -45.10
C PRO D 272 1.30 -13.24 -46.37
N SER D 273 0.51 -12.67 -47.28
CA SER D 273 0.30 -13.28 -48.55
C SER D 273 0.11 -12.18 -49.56
N ASP D 274 -0.01 -12.53 -50.84
CA ASP D 274 -0.21 -11.47 -51.82
C ASP D 274 -1.67 -11.24 -52.05
N HIS D 275 -2.49 -11.96 -51.27
CA HIS D 275 -3.90 -11.57 -51.04
C HIS D 275 -4.15 -11.22 -49.57
N PHE D 276 -5.30 -10.61 -49.32
CA PHE D 276 -5.79 -10.47 -47.95
C PHE D 276 -6.86 -11.54 -47.73
N PRO D 277 -6.94 -12.11 -46.49
CA PRO D 277 -7.97 -13.12 -46.23
C PRO D 277 -9.29 -12.42 -46.21
N VAL D 278 -10.34 -13.12 -46.59
CA VAL D 278 -11.68 -12.62 -46.41
C VAL D 278 -12.26 -13.45 -45.26
N LYS D 279 -12.71 -12.78 -44.21
CA LYS D 279 -13.30 -13.46 -43.05
C LYS D 279 -14.77 -13.08 -42.93
N VAL D 280 -15.62 -14.12 -42.79
CA VAL D 280 -17.06 -13.93 -42.71
C VAL D 280 -17.69 -14.71 -41.52
N GLU D 281 -18.48 -14.01 -40.72
CA GLU D 281 -19.19 -14.67 -39.63
C GLU D 281 -20.62 -14.93 -39.97
N LEU D 282 -21.00 -16.18 -39.75
CA LEU D 282 -22.24 -16.77 -40.28
C LEU D 282 -23.08 -17.27 -39.14
N VAL D 283 -24.40 -17.17 -39.28
CA VAL D 283 -25.30 -17.96 -38.44
C VAL D 283 -26.38 -18.58 -39.33
N PHE D 284 -26.86 -19.76 -38.97
CA PHE D 284 -27.88 -20.42 -39.79
C PHE D 284 -29.29 -19.87 -39.52
#